data_7KPJ
#
_entry.id   7KPJ
#
_cell.length_a   85.240
_cell.length_b   102.191
_cell.length_c   118.280
_cell.angle_alpha   90.000
_cell.angle_beta   102.050
_cell.angle_gamma   90.000
#
_symmetry.space_group_name_H-M   'P 1 21 1'
#
loop_
_entity.id
_entity.type
_entity.pdbx_description
1 polymer '338E6 Fab light chain kappa'
2 polymer 'GRAM_POS_ANCHORING domain-containing protein'
3 polymer '338E6 Fab heavy chain'
4 non-polymer 'CALCIUM ION'
5 water water
#
loop_
_entity_poly.entity_id
_entity_poly.type
_entity_poly.pdbx_seq_one_letter_code
_entity_poly.pdbx_strand_id
1 'polypeptide(L)'
;ETTVTQSQKFMSTSVGDRVSVTCKASQNVGTNVAWYQQKPGQSPKALIYSASYRYSGVPDRFTGSGSGTDFTLTISNVQS
EDLAEYFCQQYNSYPLTFGQGTKVEIKRTVAAPSVFIFPPSDSQLKSGTASVVCLLNNFYPREAKVQWKVDNALQSGNSQ
ESVTEQDSKDSTYSLSSTLTLSKADYEKHKVYACEVTHQGLSSPVTKSFNRGEC
;
B,D
2 'polypeptide(L)'
;HHHHHHVAEAPAEEVQNVKINYYDEDAEKQVAEVPVQVSIDTSCVNMAILTRYMPEGYALVSSDCIIRDGYVYVSVKKDV
EIREAVLHITFETPNGEVVTTETVTAEGADGEDAVFRLGVDFNLPTGYKLSNDRDQVTEITIPFGSTGGHTMVVEKGDLS
SIVKIQFVDAENNDEVVAGGDYFVDGDGDGIFHTREITEWVPEGYELQEVGDFQVELYKETPLQLSVTKIKEDKPETPDP
EEPNKPEDPDKEDTNNKDDKKEDTKKEDKKKN
;
E,F
3 'polypeptide(L)'
;EVKLEESGGDLVKPGGSLKLSCAASGFTFSSYGMSWVRQTPDKRLEWVATISSGGSYTYYPDSVKGRFTISRDNAKNTLY
LQMSSLKSEDTAMYYCARRGFYFDYWGQGTTLTVSSASTKGPSVFPLAPSSKSTSGGTAALGCLVKDYFPEPVTVSWNSG
ALTSGVHTFPAVLQSSGLYSLSSVVTVPSSSLGTQTYICNVNHKPSNTKVDKKVEPKSCDKTHT
;
A,C
#
loop_
_chem_comp.id
_chem_comp.type
_chem_comp.name
_chem_comp.formula
CA non-polymer 'CALCIUM ION' 'Ca 2'
#
# COMPACT_ATOMS: atom_id res chain seq x y z
N GLU A 1 27.94 -20.78 -23.86
CA GLU A 1 27.99 -19.41 -23.32
C GLU A 1 28.30 -19.46 -21.82
N THR A 2 29.45 -18.88 -21.46
CA THR A 2 30.08 -19.13 -20.16
C THR A 2 29.50 -18.23 -19.08
N THR A 3 28.94 -18.86 -18.04
CA THR A 3 28.42 -18.13 -16.90
C THR A 3 29.47 -18.11 -15.78
N VAL A 4 29.46 -17.05 -14.97
CA VAL A 4 30.30 -16.99 -13.77
C VAL A 4 29.40 -16.74 -12.57
N THR A 5 29.71 -17.39 -11.44
CA THR A 5 28.84 -17.33 -10.27
C THR A 5 29.63 -17.01 -9.01
N GLN A 6 29.07 -16.12 -8.21
CA GLN A 6 29.58 -15.75 -6.91
C GLN A 6 28.57 -16.31 -5.92
N SER A 7 28.99 -17.30 -5.12
CA SER A 7 28.03 -17.92 -4.22
C SER A 7 27.80 -17.10 -2.94
N GLN A 8 28.69 -16.17 -2.62
CA GLN A 8 28.54 -15.36 -1.40
C GLN A 8 27.84 -14.07 -1.78
N LYS A 9 26.65 -13.87 -1.23
CA LYS A 9 25.97 -12.60 -1.41
C LYS A 9 26.53 -11.53 -0.47
N PHE A 10 26.89 -11.91 0.76
CA PHE A 10 27.33 -11.00 1.82
C PHE A 10 28.50 -11.62 2.59
N MET A 11 29.55 -10.85 2.81
CA MET A 11 30.61 -11.27 3.73
C MET A 11 30.84 -10.14 4.74
N SER A 12 31.12 -10.51 5.99
CA SER A 12 31.41 -9.58 7.06
C SER A 12 32.82 -9.80 7.57
N THR A 13 33.58 -8.72 7.70
CA THR A 13 34.96 -8.86 8.15
C THR A 13 35.36 -7.67 9.00
N SER A 14 36.21 -7.93 10.00
CA SER A 14 36.75 -6.87 10.82
C SER A 14 37.92 -6.18 10.14
N VAL A 15 38.16 -4.94 10.55
CA VAL A 15 39.35 -4.22 10.08
C VAL A 15 40.59 -5.01 10.44
N GLY A 16 41.56 -5.06 9.52
CA GLY A 16 42.75 -5.85 9.70
C GLY A 16 42.61 -7.32 9.39
N ASP A 17 41.40 -7.82 9.15
CA ASP A 17 41.18 -9.22 8.81
C ASP A 17 41.36 -9.47 7.32
N ARG A 18 41.22 -10.74 6.97
CA ARG A 18 41.38 -11.32 5.63
C ARG A 18 39.98 -11.70 5.13
N VAL A 19 39.74 -11.50 3.84
CA VAL A 19 38.47 -11.96 3.26
C VAL A 19 38.68 -12.39 1.80
N SER A 20 38.09 -13.53 1.46
CA SER A 20 38.30 -14.17 0.17
C SER A 20 36.97 -14.24 -0.56
N VAL A 21 36.86 -13.57 -1.72
CA VAL A 21 35.65 -13.63 -2.54
C VAL A 21 35.84 -14.67 -3.65
N THR A 22 34.86 -15.57 -3.80
CA THR A 22 34.99 -16.67 -4.74
C THR A 22 34.19 -16.43 -6.02
N CYS A 23 34.65 -17.05 -7.09
CA CYS A 23 34.04 -16.93 -8.40
C CYS A 23 34.18 -18.26 -9.13
N LYS A 24 33.08 -18.81 -9.62
CA LYS A 24 33.13 -20.10 -10.31
C LYS A 24 32.62 -20.00 -11.74
N ALA A 25 33.48 -20.28 -12.72
CA ALA A 25 33.07 -20.27 -14.12
C ALA A 25 32.47 -21.61 -14.54
N SER A 26 31.47 -21.56 -15.42
CA SER A 26 30.80 -22.78 -15.85
C SER A 26 31.63 -23.61 -16.83
N GLN A 27 32.73 -23.06 -17.35
CA GLN A 27 33.64 -23.75 -18.25
C GLN A 27 35.03 -23.20 -17.98
N ASN A 28 36.05 -23.92 -18.44
CA ASN A 28 37.44 -23.47 -18.30
C ASN A 28 37.64 -22.12 -18.99
N VAL A 29 38.10 -21.10 -18.27
CA VAL A 29 38.34 -19.83 -18.96
C VAL A 29 39.80 -19.42 -18.87
N GLY A 30 40.67 -20.39 -18.55
CA GLY A 30 42.08 -20.11 -18.32
C GLY A 30 42.28 -19.11 -17.19
N THR A 31 42.91 -17.98 -17.51
CA THR A 31 43.01 -16.84 -16.58
C THR A 31 42.29 -15.59 -17.09
N ASN A 32 41.41 -15.71 -18.08
CA ASN A 32 40.72 -14.56 -18.65
C ASN A 32 39.55 -14.13 -17.77
N VAL A 33 39.92 -13.74 -16.54
CA VAL A 33 39.01 -13.30 -15.49
C VAL A 33 39.47 -11.93 -14.95
N ALA A 34 38.50 -11.09 -14.64
CA ALA A 34 38.75 -9.76 -14.12
C ALA A 34 37.89 -9.55 -12.88
N TRP A 35 38.35 -8.62 -12.00
CA TRP A 35 37.61 -8.24 -10.80
C TRP A 35 37.39 -6.74 -10.74
N TYR A 36 36.26 -6.35 -10.15
CA TYR A 36 35.87 -4.96 -10.07
C TYR A 36 35.37 -4.64 -8.67
N GLN A 37 35.59 -3.40 -8.25
CA GLN A 37 35.11 -2.94 -6.95
C GLN A 37 34.18 -1.75 -7.20
N GLN A 38 32.95 -1.86 -6.69
CA GLN A 38 31.99 -0.78 -6.78
C GLN A 38 31.65 -0.28 -5.38
N LYS A 39 32.21 0.88 -5.03
CA LYS A 39 31.86 1.59 -3.81
C LYS A 39 30.51 2.28 -3.98
N PRO A 40 29.78 2.49 -2.89
CA PRO A 40 28.39 2.98 -3.04
C PRO A 40 28.38 4.37 -3.64
N GLY A 41 27.36 4.63 -4.45
CA GLY A 41 27.33 5.86 -5.21
C GLY A 41 28.35 5.99 -6.31
N GLN A 42 29.17 4.97 -6.55
CA GLN A 42 30.22 5.09 -7.55
C GLN A 42 30.05 4.07 -8.66
N SER A 43 30.74 4.32 -9.75
CA SER A 43 30.75 3.38 -10.85
C SER A 43 31.79 2.29 -10.59
N PRO A 44 31.71 1.16 -11.27
CA PRO A 44 32.70 0.09 -11.02
C PRO A 44 34.11 0.57 -11.31
N LYS A 45 35.05 0.11 -10.49
CA LYS A 45 36.47 0.38 -10.65
C LYS A 45 37.22 -0.92 -10.87
N ALA A 46 38.13 -0.89 -11.85
CA ALA A 46 38.91 -2.06 -12.26
C ALA A 46 40.01 -2.35 -11.23
N LEU A 47 40.04 -3.59 -10.73
CA LEU A 47 41.02 -4.01 -9.71
C LEU A 47 42.06 -4.98 -10.27
N ILE A 48 41.62 -6.10 -10.82
CA ILE A 48 42.46 -7.17 -11.31
C ILE A 48 42.09 -7.45 -12.77
N TYR A 49 43.09 -7.72 -13.59
CA TYR A 49 42.87 -8.36 -14.89
C TYR A 49 43.72 -9.64 -15.00
N SER A 50 43.37 -10.45 -16.00
CA SER A 50 43.83 -11.83 -16.20
C SER A 50 44.15 -12.52 -14.88
N ALA A 51 43.11 -12.61 -14.05
CA ALA A 51 43.08 -13.46 -12.87
C ALA A 51 43.94 -12.88 -11.76
N SER A 52 45.17 -12.49 -12.05
CA SER A 52 46.07 -12.12 -10.96
C SER A 52 46.83 -10.80 -11.12
N TYR A 53 46.63 -10.04 -12.18
CA TYR A 53 47.41 -8.81 -12.37
C TYR A 53 46.67 -7.59 -11.85
N ARG A 54 47.36 -6.80 -11.03
CA ARG A 54 46.81 -5.55 -10.52
C ARG A 54 47.15 -4.39 -11.44
N TYR A 55 46.19 -3.48 -11.62
CA TYR A 55 46.46 -2.21 -12.27
C TYR A 55 47.41 -1.37 -11.40
N SER A 56 48.15 -0.46 -12.05
CA SER A 56 48.95 0.50 -11.30
C SER A 56 48.04 1.28 -10.37
N GLY A 57 48.42 1.40 -9.11
CA GLY A 57 47.63 2.15 -8.17
C GLY A 57 46.69 1.30 -7.33
N VAL A 58 46.43 0.07 -7.74
CA VAL A 58 45.66 -0.83 -6.87
C VAL A 58 46.59 -1.36 -5.78
N PRO A 59 46.22 -1.22 -4.51
CA PRO A 59 47.13 -1.59 -3.42
C PRO A 59 47.39 -3.08 -3.38
N ASP A 60 48.51 -3.42 -2.75
CA ASP A 60 48.94 -4.82 -2.66
C ASP A 60 47.95 -5.69 -1.88
N ARG A 61 47.08 -5.09 -1.07
CA ARG A 61 46.24 -5.95 -0.27
C ARG A 61 45.15 -6.64 -1.08
N PHE A 62 44.98 -6.29 -2.35
CA PHE A 62 44.04 -6.96 -3.23
C PHE A 62 44.79 -7.98 -4.06
N THR A 63 44.45 -9.24 -3.89
CA THR A 63 45.16 -10.33 -4.55
C THR A 63 44.12 -11.23 -5.21
N GLY A 64 44.30 -11.42 -6.51
CA GLY A 64 43.47 -12.32 -7.30
C GLY A 64 44.27 -13.55 -7.67
N SER A 65 43.59 -14.71 -7.69
CA SER A 65 44.25 -15.98 -7.99
C SER A 65 43.25 -16.91 -8.65
N GLY A 66 43.75 -18.01 -9.15
CA GLY A 66 42.92 -19.02 -9.79
C GLY A 66 43.25 -19.16 -11.26
N SER A 67 42.75 -20.27 -11.80
CA SER A 67 42.86 -20.57 -13.22
C SER A 67 41.94 -21.74 -13.47
N GLY A 68 41.44 -21.82 -14.70
CA GLY A 68 40.48 -22.85 -15.00
C GLY A 68 39.06 -22.40 -14.71
N THR A 69 38.50 -22.91 -13.62
CA THR A 69 37.15 -22.57 -13.23
C THR A 69 37.00 -21.86 -11.89
N ASP A 70 37.96 -21.96 -10.96
CA ASP A 70 37.82 -21.41 -9.60
C ASP A 70 38.74 -20.21 -9.40
N PHE A 71 38.15 -19.08 -9.02
CA PHE A 71 38.89 -17.82 -8.97
C PHE A 71 38.63 -17.15 -7.64
N THR A 72 39.57 -16.30 -7.23
CA THR A 72 39.48 -15.80 -5.86
C THR A 72 40.06 -14.41 -5.79
N LEU A 73 39.36 -13.53 -5.10
CA LEU A 73 39.88 -12.20 -4.77
C LEU A 73 40.06 -12.15 -3.26
N THR A 74 41.30 -11.99 -2.82
CA THR A 74 41.60 -11.95 -1.40
C THR A 74 41.98 -10.52 -1.02
N ILE A 75 41.23 -9.94 -0.10
CA ILE A 75 41.57 -8.65 0.49
C ILE A 75 42.22 -8.90 1.85
N SER A 76 43.55 -8.72 1.92
CA SER A 76 44.17 -8.79 3.22
C SER A 76 44.05 -7.43 3.91
N ASN A 77 44.35 -7.44 5.21
CA ASN A 77 44.43 -6.23 6.02
C ASN A 77 43.34 -5.23 5.62
N VAL A 78 42.09 -5.70 5.76
CA VAL A 78 40.93 -4.94 5.29
C VAL A 78 40.84 -3.60 6.01
N GLN A 79 40.57 -2.56 5.24
CA GLN A 79 40.35 -1.23 5.75
C GLN A 79 38.85 -0.92 5.70
N SER A 80 38.40 -0.05 6.60
CA SER A 80 37.00 0.32 6.63
C SER A 80 36.53 0.92 5.32
N GLU A 81 37.46 1.41 4.48
CA GLU A 81 37.10 1.99 3.19
C GLU A 81 37.03 0.96 2.08
N ASP A 82 37.37 -0.28 2.36
CA ASP A 82 37.26 -1.36 1.40
C ASP A 82 35.83 -1.86 1.25
N LEU A 83 34.89 -1.37 2.02
CA LEU A 83 33.53 -1.86 1.86
C LEU A 83 33.01 -1.49 0.47
N ALA A 84 32.34 -2.44 -0.17
CA ALA A 84 31.96 -2.33 -1.57
C ALA A 84 31.33 -3.65 -2.01
N GLU A 85 30.70 -3.62 -3.18
CA GLU A 85 30.40 -4.84 -3.90
C GLU A 85 31.55 -5.16 -4.85
N TYR A 86 31.95 -6.43 -4.88
CA TYR A 86 33.08 -6.92 -5.64
C TYR A 86 32.56 -7.89 -6.69
N PHE A 87 32.89 -7.62 -7.96
CA PHE A 87 32.38 -8.38 -9.10
C PHE A 87 33.52 -9.10 -9.81
N CYS A 88 33.31 -10.35 -10.18
CA CYS A 88 34.24 -11.00 -11.09
C CYS A 88 33.62 -11.06 -12.49
N GLN A 89 34.45 -11.34 -13.48
CA GLN A 89 34.01 -11.26 -14.87
C GLN A 89 34.91 -12.15 -15.69
N GLN A 90 34.32 -12.96 -16.56
CA GLN A 90 35.12 -13.70 -17.51
C GLN A 90 35.07 -13.01 -18.86
N TYR A 91 36.22 -12.92 -19.51
CA TYR A 91 36.25 -12.42 -20.88
C TYR A 91 36.93 -13.42 -21.80
N ASN A 92 36.94 -14.70 -21.40
CA ASN A 92 37.51 -15.71 -22.27
C ASN A 92 36.77 -15.78 -23.59
N SER A 93 35.48 -15.48 -23.60
CA SER A 93 34.71 -15.52 -24.83
C SER A 93 33.53 -14.57 -24.73
N TYR A 94 33.03 -14.17 -25.92
CA TYR A 94 31.75 -13.49 -26.00
C TYR A 94 30.62 -14.52 -25.93
N PRO A 95 29.54 -14.25 -25.19
CA PRO A 95 29.26 -13.03 -24.41
C PRO A 95 30.13 -12.89 -23.15
N LEU A 96 30.62 -11.66 -22.92
CA LEU A 96 31.27 -11.31 -21.67
C LEU A 96 30.26 -11.37 -20.54
N THR A 97 30.63 -11.99 -19.42
CA THR A 97 29.63 -12.21 -18.38
C THR A 97 30.20 -11.92 -17.00
N PHE A 98 29.32 -11.41 -16.12
CA PHE A 98 29.66 -10.99 -14.77
C PHE A 98 29.01 -11.89 -13.72
N GLY A 99 29.73 -12.14 -12.63
CA GLY A 99 29.10 -12.63 -11.42
C GLY A 99 28.15 -11.62 -10.79
N GLN A 100 27.30 -12.12 -9.88
CA GLN A 100 26.21 -11.34 -9.31
C GLN A 100 26.66 -10.31 -8.27
N GLY A 101 27.89 -10.38 -7.78
CA GLY A 101 28.34 -9.37 -6.83
C GLY A 101 28.30 -9.83 -5.39
N THR A 102 29.42 -9.65 -4.71
CA THR A 102 29.59 -10.03 -3.32
C THR A 102 29.79 -8.76 -2.49
N LYS A 103 28.82 -8.48 -1.61
CA LYS A 103 28.85 -7.27 -0.80
C LYS A 103 29.73 -7.50 0.44
N VAL A 104 30.74 -6.67 0.62
CA VAL A 104 31.68 -6.86 1.71
C VAL A 104 31.46 -5.73 2.70
N GLU A 105 31.04 -6.09 3.91
CA GLU A 105 30.77 -5.12 4.95
C GLU A 105 31.76 -5.27 6.10
N ILE A 106 31.93 -4.19 6.86
CA ILE A 106 32.89 -4.16 7.96
C ILE A 106 32.16 -4.38 9.27
N LYS A 107 32.75 -5.21 10.14
CA LYS A 107 32.23 -5.45 11.49
C LYS A 107 32.85 -4.48 12.47
N ARG A 108 32.05 -4.00 13.42
CA ARG A 108 32.56 -3.09 14.42
C ARG A 108 31.75 -3.27 15.70
N THR A 109 32.16 -2.57 16.75
CA THR A 109 31.45 -2.62 18.02
C THR A 109 29.98 -2.27 17.82
N VAL A 110 29.10 -2.92 18.57
CA VAL A 110 27.69 -2.56 18.52
C VAL A 110 27.56 -1.08 18.78
N ALA A 111 26.69 -0.42 18.03
CA ALA A 111 26.46 1.00 18.19
C ALA A 111 24.96 1.26 18.19
N ALA A 112 24.50 1.97 19.21
CA ALA A 112 23.07 2.22 19.38
C ALA A 112 22.66 3.43 18.54
N PRO A 113 21.53 3.34 17.84
CA PRO A 113 21.12 4.45 16.99
C PRO A 113 20.60 5.60 17.81
N SER A 114 20.92 6.82 17.37
CA SER A 114 20.28 8.03 17.89
C SER A 114 19.01 8.33 17.10
N VAL A 115 17.89 8.51 17.81
CA VAL A 115 16.56 8.53 17.21
C VAL A 115 16.01 9.95 17.24
N PHE A 116 15.53 10.42 16.09
CA PHE A 116 14.84 11.69 15.96
C PHE A 116 13.50 11.46 15.27
N ILE A 117 12.59 12.41 15.41
CA ILE A 117 11.29 12.36 14.73
C ILE A 117 10.93 13.76 14.26
N PHE A 118 10.29 13.83 13.10
CA PHE A 118 9.98 15.10 12.43
C PHE A 118 8.49 15.16 12.11
N PRO A 119 7.76 16.14 12.63
CA PRO A 119 6.39 16.36 12.21
C PRO A 119 6.34 16.79 10.75
N PRO A 120 5.19 16.65 10.09
CA PRO A 120 5.08 17.15 8.72
C PRO A 120 5.12 18.67 8.68
N SER A 121 5.74 19.20 7.62
CA SER A 121 5.81 20.64 7.40
C SER A 121 4.41 21.21 7.20
N ASP A 122 4.29 22.54 7.35
CA ASP A 122 3.02 23.18 7.05
C ASP A 122 2.76 23.33 5.56
N SER A 123 3.81 23.35 4.74
CA SER A 123 3.61 23.36 3.29
C SER A 123 2.91 22.08 2.86
N GLN A 124 3.29 20.94 3.45
CA GLN A 124 2.71 19.66 3.02
C GLN A 124 1.29 19.46 3.53
N LEU A 125 0.99 19.94 4.74
CA LEU A 125 -0.39 19.86 5.20
C LEU A 125 -1.30 20.72 4.34
N LYS A 126 -0.80 21.88 3.89
CA LYS A 126 -1.59 22.75 3.02
C LYS A 126 -2.04 22.01 1.77
N SER A 127 -1.26 21.05 1.29
CA SER A 127 -1.57 20.36 0.04
C SER A 127 -2.36 19.06 0.23
N GLY A 128 -2.50 18.56 1.46
CA GLY A 128 -3.44 17.49 1.75
C GLY A 128 -2.85 16.19 2.24
N THR A 129 -1.52 16.03 2.24
CA THR A 129 -0.88 14.83 2.73
C THR A 129 -0.01 15.18 3.94
N ALA A 130 0.19 14.20 4.83
CA ALA A 130 1.03 14.37 6.01
C ALA A 130 2.07 13.26 6.03
N SER A 131 3.35 13.64 5.99
CA SER A 131 4.47 12.71 6.05
C SER A 131 5.22 12.93 7.36
N VAL A 132 5.30 11.88 8.18
CA VAL A 132 6.00 11.94 9.45
C VAL A 132 7.24 11.06 9.33
N VAL A 133 8.38 11.59 9.75
CA VAL A 133 9.66 10.98 9.47
C VAL A 133 10.33 10.56 10.77
N CYS A 134 10.91 9.37 10.76
CA CYS A 134 11.75 8.91 11.86
C CYS A 134 13.15 8.62 11.34
N LEU A 135 14.14 9.22 11.96
CA LEU A 135 15.53 9.03 11.58
C LEU A 135 16.22 8.23 12.67
N LEU A 136 16.95 7.19 12.27
CA LEU A 136 17.81 6.45 13.19
C LEU A 136 19.22 6.62 12.67
N ASN A 137 20.07 7.30 13.45
CA ASN A 137 21.36 7.75 12.95
C ASN A 137 22.51 6.95 13.55
N ASN A 138 23.47 6.58 12.69
CA ASN A 138 24.79 6.06 13.07
C ASN A 138 24.68 4.89 14.07
N PHE A 139 24.24 3.73 13.57
CA PHE A 139 24.16 2.54 14.40
C PHE A 139 24.83 1.38 13.69
N TYR A 140 25.08 0.31 14.43
CA TYR A 140 25.64 -0.92 13.89
C TYR A 140 24.90 -2.09 14.50
N PRO A 141 25.07 -3.32 13.95
CA PRO A 141 23.96 -4.03 13.30
C PRO A 141 23.01 -3.18 12.49
N ARG A 142 23.15 -3.36 11.17
CA ARG A 142 22.18 -2.91 10.19
C ARG A 142 20.76 -3.32 10.56
N GLU A 143 20.59 -4.47 11.22
CA GLU A 143 19.27 -4.92 11.60
C GLU A 143 18.63 -3.97 12.60
N ALA A 144 17.40 -3.58 12.33
CA ALA A 144 16.67 -2.69 13.22
C ALA A 144 15.20 -2.84 12.90
N LYS A 145 14.36 -2.30 13.78
CA LYS A 145 12.92 -2.41 13.61
C LYS A 145 12.28 -1.10 14.03
N VAL A 146 11.49 -0.53 13.14
CA VAL A 146 10.74 0.68 13.43
C VAL A 146 9.27 0.33 13.47
N GLN A 147 8.57 0.79 14.51
CA GLN A 147 7.14 0.63 14.65
C GLN A 147 6.51 1.99 14.83
N TRP A 148 5.57 2.32 13.96
CA TRP A 148 4.81 3.56 14.08
C TRP A 148 3.56 3.28 14.91
N LYS A 149 3.42 4.03 16.01
CA LYS A 149 2.26 3.90 16.88
C LYS A 149 1.53 5.23 16.92
N VAL A 150 0.27 5.22 16.45
CA VAL A 150 -0.58 6.41 16.44
C VAL A 150 -1.58 6.27 17.58
N ASP A 151 -1.57 7.25 18.48
CA ASP A 151 -2.42 7.22 19.68
C ASP A 151 -2.26 5.88 20.41
N ASN A 152 -1.02 5.42 20.53
CA ASN A 152 -0.67 4.16 21.17
C ASN A 152 -1.16 2.93 20.40
N ALA A 153 -1.41 3.07 19.10
CA ALA A 153 -1.94 1.97 18.29
C ALA A 153 -0.99 1.71 17.12
N LEU A 154 -0.45 0.49 17.06
CA LEU A 154 0.55 0.17 16.05
C LEU A 154 -0.04 0.16 14.65
N GLN A 155 0.71 0.70 13.71
CA GLN A 155 0.28 0.82 12.32
C GLN A 155 0.95 -0.27 11.48
N SER A 156 0.56 -0.30 10.20
CA SER A 156 1.19 -1.13 9.18
C SER A 156 0.58 -0.73 7.85
N GLY A 157 1.38 -0.87 6.78
CA GLY A 157 0.93 -0.59 5.44
C GLY A 157 1.01 0.87 5.01
N ASN A 158 1.38 1.78 5.91
CA ASN A 158 1.54 3.19 5.59
C ASN A 158 2.92 3.70 5.98
N SER A 159 3.90 2.80 6.00
CA SER A 159 5.29 3.11 6.32
C SER A 159 6.20 2.56 5.24
N GLN A 160 7.24 3.32 4.92
CA GLN A 160 8.31 2.86 4.06
C GLN A 160 9.64 3.25 4.69
N GLU A 161 10.60 2.33 4.62
CA GLU A 161 11.92 2.46 5.23
C GLU A 161 12.99 2.55 4.15
N SER A 162 14.09 3.21 4.52
CA SER A 162 15.25 3.32 3.65
C SER A 162 16.48 3.31 4.53
N VAL A 163 17.54 2.63 4.07
CA VAL A 163 18.78 2.46 4.81
C VAL A 163 19.95 2.90 3.95
N THR A 164 20.80 3.77 4.48
CA THR A 164 22.04 4.12 3.81
C THR A 164 22.95 2.91 3.74
N GLU A 165 23.93 3.01 2.85
CA GLU A 165 25.03 2.04 2.88
C GLU A 165 25.92 2.32 4.07
N GLN A 166 26.77 1.37 4.40
CA GLN A 166 27.66 1.51 5.55
C GLN A 166 28.63 2.66 5.33
N ASP A 167 28.71 3.54 6.32
CA ASP A 167 29.62 4.68 6.24
C ASP A 167 31.07 4.21 6.13
N SER A 168 31.86 4.89 5.31
CA SER A 168 33.21 4.42 5.02
C SER A 168 34.22 4.70 6.12
N LYS A 169 33.99 5.68 6.99
CA LYS A 169 34.98 6.02 8.03
C LYS A 169 34.64 5.37 9.37
N ASP A 170 33.64 5.86 10.07
CA ASP A 170 33.02 4.96 11.02
C ASP A 170 32.30 3.89 10.21
N SER A 171 31.87 2.82 10.85
CA SER A 171 31.30 1.81 9.98
C SER A 171 29.83 1.62 10.30
N THR A 172 29.07 2.71 10.31
CA THR A 172 27.71 2.68 10.80
C THR A 172 26.73 2.88 9.66
N TYR A 173 25.46 2.74 10.03
CA TYR A 173 24.33 2.80 9.13
C TYR A 173 23.41 3.89 9.64
N SER A 174 22.53 4.33 8.77
CA SER A 174 21.46 5.20 9.22
C SER A 174 20.21 4.78 8.48
N LEU A 175 19.07 5.02 9.11
CA LEU A 175 17.80 4.57 8.57
C LEU A 175 16.80 5.69 8.67
N SER A 176 15.99 5.80 7.63
CA SER A 176 14.89 6.74 7.57
C SER A 176 13.61 5.95 7.35
N SER A 177 12.59 6.24 8.14
CA SER A 177 11.27 5.66 7.92
C SER A 177 10.23 6.78 7.81
N THR A 178 9.32 6.64 6.85
CA THR A 178 8.29 7.63 6.61
C THR A 178 6.92 7.03 6.84
N LEU A 179 6.12 7.68 7.67
CA LEU A 179 4.72 7.35 7.87
C LEU A 179 3.88 8.32 7.06
N THR A 180 3.28 7.83 5.98
CA THR A 180 2.47 8.67 5.10
C THR A 180 1.00 8.54 5.45
N LEU A 181 0.30 9.67 5.52
CA LEU A 181 -1.06 9.75 6.04
C LEU A 181 -1.80 10.89 5.34
N SER A 182 -3.10 10.71 5.17
CA SER A 182 -3.92 11.80 4.65
C SER A 182 -4.03 12.92 5.68
N LYS A 183 -4.17 14.16 5.19
CA LYS A 183 -4.33 15.28 6.11
C LYS A 183 -5.55 15.08 6.99
N ALA A 184 -6.60 14.47 6.44
CA ALA A 184 -7.75 14.11 7.24
C ALA A 184 -7.34 13.22 8.42
N ASP A 185 -6.74 12.07 8.12
CA ASP A 185 -6.36 11.14 9.19
C ASP A 185 -5.38 11.77 10.16
N TYR A 186 -4.54 12.69 9.70
CA TYR A 186 -3.48 13.21 10.55
C TYR A 186 -4.04 13.98 11.74
N GLU A 187 -4.94 14.93 11.49
CA GLU A 187 -5.45 15.77 12.57
C GLU A 187 -6.61 15.14 13.33
N LYS A 188 -6.79 13.83 13.21
CA LYS A 188 -7.79 13.12 14.01
C LYS A 188 -7.18 12.59 15.30
N HIS A 189 -5.93 12.15 15.23
CA HIS A 189 -5.19 11.68 16.40
C HIS A 189 -4.26 12.79 16.88
N LYS A 190 -3.72 12.61 18.08
CA LYS A 190 -2.83 13.60 18.67
C LYS A 190 -1.41 13.11 18.88
N VAL A 191 -1.23 11.84 19.28
CA VAL A 191 0.07 11.32 19.68
C VAL A 191 0.66 10.50 18.52
N TYR A 192 1.88 10.85 18.13
CA TYR A 192 2.60 10.18 17.05
C TYR A 192 3.94 9.69 17.57
N ALA A 193 4.12 8.38 17.62
CA ALA A 193 5.30 7.79 18.25
C ALA A 193 6.01 6.84 17.29
N CYS A 194 7.33 6.82 17.43
CA CYS A 194 8.23 6.02 16.60
C CYS A 194 8.96 5.04 17.52
N GLU A 195 8.63 3.75 17.42
CA GLU A 195 9.15 2.75 18.36
C GLU A 195 10.29 1.98 17.71
N VAL A 196 11.45 2.01 18.36
CA VAL A 196 12.69 1.53 17.75
C VAL A 196 13.31 0.45 18.61
N THR A 197 13.51 -0.72 18.02
CA THR A 197 14.22 -1.80 18.65
C THR A 197 15.44 -2.16 17.83
N HIS A 198 16.48 -2.63 18.51
CA HIS A 198 17.80 -2.82 17.91
C HIS A 198 18.69 -3.49 18.95
N GLN A 199 19.76 -4.13 18.48
CA GLN A 199 20.63 -4.90 19.36
C GLN A 199 21.31 -4.03 20.42
N GLY A 200 21.64 -2.78 20.11
CA GLY A 200 22.26 -1.87 21.04
C GLY A 200 21.34 -1.25 22.05
N LEU A 201 20.05 -1.56 22.00
CA LEU A 201 19.08 -1.09 22.98
C LEU A 201 18.65 -2.26 23.85
N SER A 202 18.68 -2.06 25.17
CA SER A 202 18.17 -3.09 26.09
C SER A 202 16.65 -3.18 26.03
N SER A 203 15.99 -2.09 25.64
CA SER A 203 14.55 -2.05 25.50
C SER A 203 14.22 -1.14 24.34
N PRO A 204 13.02 -1.25 23.77
CA PRO A 204 12.62 -0.34 22.68
C PRO A 204 12.70 1.13 23.12
N VAL A 205 13.14 1.97 22.20
CA VAL A 205 13.25 3.40 22.43
C VAL A 205 12.17 4.09 21.60
N THR A 206 11.46 5.02 22.22
CA THR A 206 10.34 5.70 21.58
C THR A 206 10.56 7.21 21.58
N LYS A 207 10.47 7.80 20.40
CA LYS A 207 10.40 9.24 20.23
C LYS A 207 9.00 9.59 19.74
N SER A 208 8.48 10.73 20.19
CA SER A 208 7.08 11.03 19.91
C SER A 208 6.82 12.52 20.04
N PHE A 209 5.70 12.94 19.46
CA PHE A 209 5.26 14.32 19.57
C PHE A 209 3.74 14.37 19.53
N ASN A 210 3.20 15.47 20.04
CA ASN A 210 1.78 15.74 20.04
C ASN A 210 1.48 16.76 18.96
N ARG A 211 0.51 16.45 18.10
CA ARG A 211 0.21 17.30 16.96
C ARG A 211 -0.22 18.69 17.40
N GLY A 212 0.63 19.69 17.17
CA GLY A 212 0.31 21.04 17.56
C GLY A 212 1.41 21.74 18.33
N GLU A 213 2.02 21.06 19.30
CA GLU A 213 3.08 21.63 20.12
C GLU A 213 4.25 22.17 19.31
N GLU B 14 25.72 -18.82 16.74
CA GLU B 14 25.74 -18.98 15.27
C GLU B 14 27.14 -19.39 14.86
N VAL B 15 27.26 -20.33 13.93
CA VAL B 15 28.59 -20.76 13.44
C VAL B 15 28.43 -21.23 11.99
N GLN B 16 29.53 -21.59 11.36
CA GLN B 16 29.47 -21.97 9.94
C GLN B 16 29.79 -23.44 9.78
N ASN B 17 29.00 -24.14 9.00
CA ASN B 17 29.24 -25.54 8.67
C ASN B 17 30.02 -25.64 7.36
N VAL B 18 31.16 -26.31 7.38
CA VAL B 18 32.03 -26.42 6.21
C VAL B 18 32.39 -27.88 5.98
N LYS B 19 32.43 -28.29 4.71
CA LYS B 19 32.81 -29.65 4.34
C LYS B 19 34.25 -29.66 3.82
N ILE B 20 35.12 -30.42 4.48
CA ILE B 20 36.49 -30.56 4.01
C ILE B 20 36.59 -31.76 3.07
N ASN B 21 37.01 -31.50 1.85
CA ASN B 21 37.12 -32.51 0.80
C ASN B 21 38.59 -32.91 0.75
N TYR B 22 38.92 -34.06 1.30
CA TYR B 22 40.26 -34.60 1.20
C TYR B 22 40.35 -35.41 -0.08
N TYR B 23 41.22 -34.99 -0.99
CA TYR B 23 41.32 -35.59 -2.31
C TYR B 23 42.73 -36.07 -2.56
N ASP B 24 42.87 -37.32 -3.00
CA ASP B 24 44.15 -37.90 -3.37
C ASP B 24 44.31 -37.76 -4.88
N GLU B 25 45.14 -36.82 -5.31
CA GLU B 25 45.25 -36.57 -6.73
C GLU B 25 45.97 -37.70 -7.47
N ASP B 26 46.82 -38.46 -6.78
CA ASP B 26 47.45 -39.63 -7.39
C ASP B 26 46.43 -40.71 -7.66
N ALA B 27 45.77 -41.19 -6.61
CA ALA B 27 44.66 -42.13 -6.75
C ALA B 27 43.51 -41.57 -7.58
N GLU B 28 43.47 -40.25 -7.80
CA GLU B 28 42.32 -39.60 -8.45
C GLU B 28 41.00 -40.05 -7.82
N LYS B 29 40.98 -40.05 -6.48
CA LYS B 29 39.80 -40.46 -5.70
C LYS B 29 39.64 -39.54 -4.49
N GLN B 30 38.38 -39.28 -4.12
CA GLN B 30 38.09 -38.60 -2.86
C GLN B 30 38.32 -39.56 -1.70
N VAL B 31 39.08 -39.14 -0.69
CA VAL B 31 39.28 -40.09 0.40
C VAL B 31 38.30 -39.81 1.53
N ALA B 32 37.93 -38.56 1.74
CA ALA B 32 36.99 -38.27 2.82
C ALA B 32 36.41 -36.88 2.66
N GLU B 33 35.20 -36.72 3.19
CA GLU B 33 34.50 -35.44 3.20
C GLU B 33 34.04 -35.19 4.63
N VAL B 34 34.75 -34.33 5.34
CA VAL B 34 34.55 -34.20 6.78
C VAL B 34 33.80 -32.90 7.06
N PRO B 35 32.65 -32.93 7.72
CA PRO B 35 31.97 -31.69 8.10
C PRO B 35 32.54 -31.15 9.40
N VAL B 36 32.90 -29.87 9.40
CA VAL B 36 33.38 -29.20 10.61
C VAL B 36 32.63 -27.89 10.77
N GLN B 37 32.79 -27.31 11.94
CA GLN B 37 32.16 -26.04 12.28
C GLN B 37 33.25 -25.01 12.53
N VAL B 38 33.12 -23.83 11.92
CA VAL B 38 34.04 -22.71 12.15
C VAL B 38 33.25 -21.42 12.34
N SER B 39 33.96 -20.39 12.86
CA SER B 39 33.38 -19.07 13.10
C SER B 39 32.66 -18.55 11.87
N ILE B 40 31.55 -17.85 12.09
CA ILE B 40 30.65 -17.53 10.98
C ILE B 40 31.27 -16.56 9.97
N ASP B 41 32.26 -15.76 10.38
CA ASP B 41 32.80 -14.77 9.45
C ASP B 41 34.24 -15.04 9.05
N THR B 42 34.55 -16.28 8.73
CA THR B 42 35.85 -16.61 8.18
C THR B 42 35.64 -17.26 6.82
N SER B 43 36.60 -17.06 5.93
CA SER B 43 36.52 -17.62 4.61
C SER B 43 37.77 -18.44 4.30
N CYS B 44 38.62 -18.69 5.30
CA CYS B 44 39.87 -19.42 5.11
C CYS B 44 40.11 -20.27 6.35
N VAL B 45 40.22 -21.61 6.19
CA VAL B 45 40.37 -22.54 7.32
C VAL B 45 41.85 -22.85 7.53
N ASN B 46 42.32 -22.77 8.77
CA ASN B 46 43.75 -22.96 9.03
C ASN B 46 44.19 -24.43 8.91
N MET B 47 45.48 -24.58 8.65
CA MET B 47 46.10 -25.90 8.54
C MET B 47 45.85 -26.79 9.76
N ALA B 48 45.83 -26.22 10.97
CA ALA B 48 45.63 -27.05 12.17
C ALA B 48 44.31 -27.80 12.13
N ILE B 49 43.27 -27.16 11.58
CA ILE B 49 41.98 -27.83 11.42
C ILE B 49 42.04 -28.86 10.31
N LEU B 50 42.65 -28.50 9.18
CA LEU B 50 42.79 -29.47 8.11
C LEU B 50 43.51 -30.72 8.59
N THR B 51 44.59 -30.55 9.35
CA THR B 51 45.32 -31.73 9.78
C THR B 51 44.70 -32.40 10.99
N ARG B 52 43.92 -31.69 11.81
CA ARG B 52 43.24 -32.38 12.91
C ARG B 52 42.34 -33.50 12.39
N TYR B 53 41.62 -33.24 11.30
CA TYR B 53 40.67 -34.18 10.74
C TYR B 53 41.23 -34.92 9.54
N MET B 54 42.55 -34.96 9.40
CA MET B 54 43.22 -35.70 8.34
C MET B 54 42.87 -37.18 8.43
N PRO B 55 42.32 -37.79 7.39
CA PRO B 55 42.04 -39.23 7.46
C PRO B 55 43.31 -40.04 7.67
N GLU B 56 43.17 -41.15 8.38
CA GLU B 56 44.35 -41.88 8.86
C GLU B 56 45.15 -42.44 7.69
N GLY B 57 46.47 -42.34 7.80
CA GLY B 57 47.34 -42.82 6.76
C GLY B 57 47.71 -41.80 5.70
N TYR B 58 47.17 -40.59 5.77
CA TYR B 58 47.34 -39.56 4.76
C TYR B 58 48.02 -38.34 5.34
N ALA B 59 48.63 -37.54 4.45
CA ALA B 59 49.37 -36.35 4.84
C ALA B 59 48.96 -35.18 3.95
N LEU B 60 48.97 -33.98 4.53
CA LEU B 60 48.63 -32.78 3.80
C LEU B 60 49.67 -32.50 2.71
N VAL B 61 49.21 -32.29 1.49
CA VAL B 61 50.08 -31.82 0.42
C VAL B 61 49.86 -30.34 0.14
N SER B 62 48.61 -29.96 -0.10
CA SER B 62 48.36 -28.56 -0.38
C SER B 62 46.89 -28.27 -0.13
N SER B 63 46.62 -27.00 0.21
CA SER B 63 45.28 -26.44 0.24
C SER B 63 45.38 -24.92 0.18
N ASP B 64 44.49 -24.29 -0.59
CA ASP B 64 44.39 -22.84 -0.62
C ASP B 64 43.57 -22.30 0.56
N CYS B 65 43.12 -23.17 1.45
CA CYS B 65 42.39 -22.86 2.69
C CYS B 65 40.99 -22.33 2.41
N ILE B 66 40.63 -22.04 1.16
CA ILE B 66 39.51 -21.14 0.90
C ILE B 66 38.20 -21.90 0.99
N ILE B 67 37.22 -21.29 1.66
CA ILE B 67 35.89 -21.89 1.76
C ILE B 67 35.12 -21.48 0.51
N ARG B 68 34.82 -22.45 -0.33
CA ARG B 68 34.32 -22.25 -1.68
C ARG B 68 32.95 -22.90 -1.76
N ASP B 69 31.90 -22.08 -1.67
CA ASP B 69 30.52 -22.60 -1.69
C ASP B 69 30.35 -23.72 -0.67
N GLY B 70 30.98 -23.56 0.49
CA GLY B 70 30.82 -24.49 1.58
C GLY B 70 31.85 -25.60 1.66
N TYR B 71 32.84 -25.63 0.76
CA TYR B 71 33.81 -26.70 0.69
C TYR B 71 35.21 -26.15 0.75
N VAL B 72 36.09 -26.85 1.45
CA VAL B 72 37.53 -26.61 1.39
C VAL B 72 38.20 -27.78 0.71
N TYR B 73 39.02 -27.51 -0.30
CA TYR B 73 39.69 -28.56 -1.05
C TYR B 73 41.11 -28.78 -0.53
N VAL B 74 41.42 -30.02 -0.20
CA VAL B 74 42.70 -30.41 0.40
C VAL B 74 43.28 -31.54 -0.42
N SER B 75 44.47 -31.33 -0.96
CA SER B 75 45.20 -32.38 -1.65
C SER B 75 46.02 -33.14 -0.62
N VAL B 76 45.82 -34.45 -0.54
CA VAL B 76 46.46 -35.30 0.45
C VAL B 76 47.03 -36.52 -0.27
N LYS B 77 47.87 -37.26 0.46
CA LYS B 77 48.68 -38.33 -0.11
C LYS B 77 48.95 -39.34 1.01
N LYS B 78 49.02 -40.62 0.66
CA LYS B 78 49.23 -41.63 1.69
C LYS B 78 50.62 -42.25 1.58
N ASP B 79 51.04 -42.89 2.68
CA ASP B 79 52.29 -43.64 2.70
C ASP B 79 53.52 -42.75 2.53
N VAL B 80 53.45 -41.52 3.01
CA VAL B 80 54.59 -40.62 3.00
C VAL B 80 54.88 -40.22 4.43
N GLU B 81 56.09 -39.74 4.65
CA GLU B 81 56.49 -39.32 5.98
C GLU B 81 55.89 -37.97 6.32
N ILE B 82 55.37 -37.84 7.53
CA ILE B 82 54.73 -36.60 7.95
C ILE B 82 55.73 -35.80 8.78
N ARG B 83 55.96 -34.56 8.38
CA ARG B 83 56.94 -33.75 9.08
C ARG B 83 56.38 -32.35 9.30
N GLU B 84 56.88 -31.68 10.34
CA GLU B 84 56.50 -30.32 10.63
C GLU B 84 57.26 -29.35 9.74
N ALA B 85 56.55 -28.39 9.16
CA ALA B 85 57.17 -27.11 8.81
C ALA B 85 57.14 -26.22 10.05
N VAL B 86 58.26 -25.59 10.39
CA VAL B 86 58.27 -24.75 11.57
C VAL B 86 58.73 -23.36 11.17
N LEU B 87 58.00 -22.36 11.68
CA LEU B 87 58.17 -20.95 11.35
C LEU B 87 58.38 -20.17 12.64
N HIS B 88 59.54 -19.54 12.76
CA HIS B 88 59.77 -18.56 13.83
C HIS B 88 59.40 -17.19 13.27
N ILE B 89 58.26 -16.64 13.69
CA ILE B 89 57.90 -15.27 13.30
C ILE B 89 58.36 -14.33 14.38
N THR B 90 59.07 -13.29 13.97
CA THR B 90 59.42 -12.15 14.81
C THR B 90 58.62 -10.94 14.36
N PHE B 91 57.93 -10.30 15.29
CA PHE B 91 57.23 -9.05 15.03
C PHE B 91 58.09 -7.89 15.54
N GLU B 92 58.47 -7.01 14.62
CA GLU B 92 59.22 -5.81 14.93
C GLU B 92 58.42 -4.59 14.50
N THR B 93 58.60 -3.54 15.26
CA THR B 93 58.13 -2.22 14.98
C THR B 93 59.14 -1.54 14.05
N PRO B 94 58.74 -0.53 13.26
CA PRO B 94 59.65 0.01 12.22
C PRO B 94 61.03 0.44 12.72
N ASN B 95 61.20 0.79 14.00
CA ASN B 95 62.50 1.16 14.51
C ASN B 95 63.38 -0.02 14.92
N GLY B 96 62.99 -1.27 14.58
CA GLY B 96 63.80 -2.43 14.90
C GLY B 96 63.54 -3.09 16.24
N GLU B 97 62.70 -2.50 17.11
CA GLU B 97 62.45 -3.12 18.40
C GLU B 97 61.46 -4.28 18.26
N VAL B 98 61.71 -5.35 18.98
CA VAL B 98 60.91 -6.57 18.89
C VAL B 98 59.70 -6.45 19.81
N VAL B 99 58.50 -6.51 19.23
CA VAL B 99 57.27 -6.60 19.99
C VAL B 99 57.15 -8.00 20.62
N THR B 100 56.96 -9.04 19.81
CA THR B 100 56.97 -10.41 20.31
C THR B 100 57.64 -11.32 19.30
N THR B 101 57.89 -12.56 19.73
CA THR B 101 58.29 -13.63 18.83
C THR B 101 57.43 -14.85 19.10
N GLU B 102 57.12 -15.61 18.05
CA GLU B 102 56.28 -16.78 18.20
C GLU B 102 56.72 -17.83 17.18
N THR B 103 56.55 -19.09 17.54
CA THR B 103 56.79 -20.21 16.64
C THR B 103 55.48 -20.92 16.40
N VAL B 104 55.14 -21.11 15.12
CA VAL B 104 53.97 -21.88 14.71
C VAL B 104 54.45 -23.02 13.82
N THR B 105 53.72 -24.13 13.85
CA THR B 105 54.12 -25.30 13.09
C THR B 105 52.94 -25.84 12.32
N ALA B 106 53.24 -26.70 11.35
CA ALA B 106 52.23 -27.43 10.60
C ALA B 106 52.84 -28.73 10.10
N GLU B 107 52.04 -29.77 10.03
CA GLU B 107 52.53 -31.07 9.61
C GLU B 107 51.88 -31.49 8.30
N GLY B 108 52.70 -32.03 7.41
CA GLY B 108 52.28 -32.46 6.11
C GLY B 108 53.34 -33.35 5.49
N ALA B 109 53.16 -33.61 4.19
CA ALA B 109 54.02 -34.56 3.49
C ALA B 109 55.41 -33.97 3.33
N ASP B 110 56.42 -34.74 3.72
CA ASP B 110 57.80 -34.24 3.73
C ASP B 110 58.15 -33.68 2.35
N GLY B 111 58.62 -32.43 2.33
CA GLY B 111 59.05 -31.78 1.12
C GLY B 111 58.00 -30.97 0.40
N GLU B 112 56.72 -31.14 0.73
CA GLU B 112 55.72 -30.28 0.15
C GLU B 112 55.66 -28.96 0.93
N ASP B 113 54.88 -28.02 0.40
CA ASP B 113 54.87 -26.62 0.86
C ASP B 113 53.78 -26.38 1.90
N ALA B 114 54.17 -25.88 3.06
CA ALA B 114 53.24 -25.33 4.03
C ALA B 114 53.21 -23.83 3.79
N VAL B 115 52.00 -23.27 3.69
CA VAL B 115 51.78 -21.86 3.46
C VAL B 115 51.16 -21.28 4.73
N PHE B 116 51.91 -20.45 5.47
CA PHE B 116 51.39 -19.83 6.70
C PHE B 116 50.78 -18.48 6.35
N ARG B 117 49.52 -18.28 6.69
CA ARG B 117 48.83 -17.06 6.24
C ARG B 117 48.41 -16.25 7.46
N LEU B 118 48.81 -14.98 7.47
CA LEU B 118 48.52 -14.06 8.56
C LEU B 118 47.04 -14.03 8.89
N GLY B 119 46.71 -14.25 10.14
CA GLY B 119 45.34 -14.16 10.57
C GLY B 119 44.58 -15.47 10.55
N VAL B 120 45.05 -16.46 9.81
CA VAL B 120 44.50 -17.81 9.86
C VAL B 120 45.40 -18.75 10.64
N ASP B 121 46.69 -18.77 10.32
CA ASP B 121 47.64 -19.65 11.00
C ASP B 121 48.42 -18.97 12.09
N PHE B 122 48.46 -17.64 12.10
CA PHE B 122 49.16 -16.91 13.16
C PHE B 122 48.62 -15.50 13.15
N ASN B 123 48.72 -14.85 14.30
CA ASN B 123 48.12 -13.54 14.48
C ASN B 123 49.15 -12.51 14.88
N LEU B 124 48.83 -11.26 14.62
CA LEU B 124 49.64 -10.15 15.10
C LEU B 124 49.60 -10.06 16.62
N PRO B 125 50.65 -9.52 17.24
CA PRO B 125 50.58 -9.21 18.67
C PRO B 125 49.34 -8.38 19.00
N THR B 126 48.77 -8.64 20.17
CA THR B 126 47.60 -7.90 20.63
C THR B 126 47.92 -6.40 20.70
N GLY B 127 47.07 -5.59 20.06
CA GLY B 127 47.25 -4.15 20.03
C GLY B 127 48.02 -3.62 18.82
N TYR B 128 48.39 -4.48 17.87
CA TYR B 128 49.20 -4.06 16.73
C TYR B 128 48.51 -4.39 15.40
N LYS B 129 48.98 -3.73 14.37
CA LYS B 129 48.50 -3.89 13.01
C LYS B 129 49.71 -3.87 12.10
N LEU B 130 49.44 -4.14 10.85
CA LEU B 130 50.52 -4.13 9.87
C LEU B 130 50.96 -2.69 9.70
N SER B 131 52.23 -2.51 9.53
CA SER B 131 52.76 -1.16 9.34
C SER B 131 52.33 -0.58 8.01
N ASN B 132 52.02 0.71 7.98
CA ASN B 132 51.61 1.38 6.73
C ASN B 132 52.84 1.96 6.04
N ASP B 133 54.02 1.64 6.53
CA ASP B 133 55.22 2.27 5.95
C ASP B 133 55.84 1.48 4.82
N ARG B 134 55.28 0.33 4.44
CA ARG B 134 55.88 -0.48 3.35
C ARG B 134 54.98 -1.62 2.93
N ASP B 135 55.32 -2.27 1.84
CA ASP B 135 54.65 -3.48 1.41
C ASP B 135 55.42 -4.67 1.96
N GLN B 136 54.71 -5.64 2.52
CA GLN B 136 55.36 -6.85 2.97
C GLN B 136 54.47 -8.03 2.66
N VAL B 137 55.02 -9.21 2.74
CA VAL B 137 54.25 -10.42 2.45
C VAL B 137 53.34 -10.75 3.63
N THR B 138 52.18 -11.31 3.32
CA THR B 138 51.21 -11.75 4.30
C THR B 138 51.05 -13.26 4.31
N GLU B 139 51.84 -13.96 3.50
CA GLU B 139 51.85 -15.43 3.47
C GLU B 139 53.30 -15.87 3.40
N ILE B 140 53.65 -16.91 4.14
CA ILE B 140 55.03 -17.38 4.21
C ILE B 140 55.01 -18.86 3.89
N THR B 141 55.83 -19.27 2.94
CA THR B 141 55.84 -20.66 2.47
C THR B 141 57.08 -21.36 3.00
N ILE B 142 56.88 -22.41 3.78
CA ILE B 142 57.95 -23.16 4.43
C ILE B 142 57.71 -24.63 4.11
N PRO B 143 58.66 -25.35 3.51
CA PRO B 143 58.43 -26.78 3.25
C PRO B 143 58.37 -27.59 4.54
N PHE B 144 57.45 -28.56 4.57
CA PHE B 144 57.39 -29.52 5.67
C PHE B 144 58.71 -30.28 5.79
N GLY B 145 59.18 -30.43 7.02
CA GLY B 145 60.50 -30.96 7.24
C GLY B 145 61.60 -29.93 7.25
N SER B 146 61.26 -28.65 7.25
CA SER B 146 62.26 -27.58 7.28
C SER B 146 61.82 -26.47 8.23
N THR B 147 62.74 -25.57 8.52
CA THR B 147 62.51 -24.51 9.49
C THR B 147 62.89 -23.19 8.85
N GLY B 148 62.02 -22.20 9.01
CA GLY B 148 62.26 -20.90 8.42
C GLY B 148 62.01 -19.79 9.42
N GLY B 149 62.55 -18.62 9.12
CA GLY B 149 62.31 -17.43 9.90
C GLY B 149 61.74 -16.33 9.03
N HIS B 150 61.01 -15.42 9.67
CA HIS B 150 60.42 -14.26 9.01
C HIS B 150 60.14 -13.16 10.04
N THR B 151 60.41 -11.93 9.64
CA THR B 151 60.15 -10.74 10.47
C THR B 151 59.03 -9.96 9.84
N MET B 152 57.93 -9.79 10.57
CA MET B 152 56.84 -8.95 10.09
C MET B 152 56.85 -7.60 10.82
N VAL B 153 56.64 -6.52 10.08
CA VAL B 153 56.77 -5.17 10.63
C VAL B 153 55.39 -4.66 11.05
N VAL B 154 55.25 -4.23 12.30
CA VAL B 154 53.95 -3.84 12.83
C VAL B 154 54.02 -2.44 13.44
N GLU B 155 52.84 -1.90 13.76
CA GLU B 155 52.68 -0.60 14.41
C GLU B 155 51.52 -0.71 15.39
N LYS B 156 51.55 0.13 16.43
CA LYS B 156 50.52 0.08 17.46
C LYS B 156 49.17 0.47 16.87
N GLY B 157 48.11 -0.24 17.29
CA GLY B 157 46.79 0.13 16.85
C GLY B 157 46.28 1.40 17.51
N ASP B 158 46.58 1.57 18.80
CA ASP B 158 46.09 2.66 19.63
C ASP B 158 47.31 3.50 19.99
N LEU B 159 47.27 4.79 19.67
CA LEU B 159 48.37 5.69 19.99
C LEU B 159 48.09 6.57 21.22
N SER B 160 47.09 6.21 22.03
CA SER B 160 46.72 6.97 23.22
C SER B 160 47.93 7.26 24.10
N SER B 161 47.96 8.46 24.68
CA SER B 161 48.98 8.91 25.61
C SER B 161 48.34 9.16 26.96
N ILE B 162 49.16 9.14 27.98
CA ILE B 162 48.71 9.51 29.31
C ILE B 162 48.77 11.04 29.43
N VAL B 163 47.75 11.60 30.06
CA VAL B 163 47.65 13.02 30.32
C VAL B 163 47.13 13.20 31.74
N LYS B 164 47.75 14.10 32.51
CA LYS B 164 47.36 14.32 33.90
C LYS B 164 46.27 15.38 33.93
N ILE B 165 45.19 15.10 34.66
CA ILE B 165 44.04 15.99 34.71
C ILE B 165 43.55 16.09 36.14
N GLN B 166 43.23 17.30 36.58
CA GLN B 166 42.56 17.54 37.85
C GLN B 166 41.24 18.25 37.61
N PHE B 167 40.17 17.72 38.20
CA PHE B 167 38.88 18.37 38.19
C PHE B 167 38.78 19.30 39.40
N VAL B 168 38.24 20.48 39.18
CA VAL B 168 38.53 21.63 40.03
C VAL B 168 37.23 22.41 40.21
N ASP B 169 36.83 22.64 41.46
CA ASP B 169 35.51 23.20 41.73
C ASP B 169 35.52 24.71 41.50
N ALA B 170 34.89 25.14 40.40
CA ALA B 170 34.92 26.54 39.99
C ALA B 170 34.11 27.45 40.91
N GLU B 171 33.16 26.91 41.69
CA GLU B 171 32.46 27.75 42.66
C GLU B 171 33.10 27.73 44.05
N ASN B 172 34.28 27.12 44.21
CA ASN B 172 34.99 27.14 45.48
C ASN B 172 36.48 27.35 45.23
N ASN B 173 36.81 28.45 44.54
CA ASN B 173 38.20 28.86 44.34
C ASN B 173 39.04 27.77 43.68
N ASP B 174 38.42 26.99 42.81
CA ASP B 174 39.13 25.95 42.04
C ASP B 174 39.86 24.97 42.96
N GLU B 175 39.19 24.56 44.05
CA GLU B 175 39.72 23.48 44.88
C GLU B 175 39.71 22.17 44.10
N VAL B 176 40.76 21.38 44.28
CA VAL B 176 40.85 20.08 43.60
C VAL B 176 39.79 19.13 44.16
N VAL B 177 39.01 18.55 43.26
CA VAL B 177 38.03 17.55 43.65
C VAL B 177 38.55 16.15 43.42
N ALA B 178 39.12 15.90 42.24
CA ALA B 178 39.68 14.59 41.90
C ALA B 178 40.67 14.77 40.75
N GLY B 179 41.45 13.73 40.51
CA GLY B 179 42.38 13.77 39.39
C GLY B 179 43.00 12.41 39.13
N GLY B 180 43.88 12.39 38.14
CA GLY B 180 44.57 11.17 37.76
C GLY B 180 45.27 11.33 36.42
N ASP B 181 45.73 10.21 35.90
CA ASP B 181 46.38 10.11 34.60
C ASP B 181 45.47 9.31 33.68
N TYR B 182 45.01 9.93 32.61
CA TYR B 182 44.00 9.37 31.73
C TYR B 182 44.55 9.20 30.32
N PHE B 183 44.15 8.12 29.66
CA PHE B 183 44.56 7.84 28.30
C PHE B 183 43.64 8.58 27.33
N VAL B 184 44.23 9.26 26.37
CA VAL B 184 43.52 10.13 25.43
C VAL B 184 44.31 10.14 24.11
N ASP B 185 43.67 10.59 23.04
CA ASP B 185 44.32 10.75 21.74
C ASP B 185 44.74 9.41 21.11
N GLY B 186 43.75 8.53 20.89
CA GLY B 186 44.05 7.24 20.24
C GLY B 186 44.61 7.40 18.83
N ASP B 187 44.13 8.38 18.07
CA ASP B 187 44.70 8.69 16.77
C ASP B 187 46.15 9.18 16.83
N GLY B 188 46.59 9.73 17.96
CA GLY B 188 47.97 10.14 18.10
C GLY B 188 48.34 11.49 17.50
N ASP B 189 47.37 12.31 17.08
CA ASP B 189 47.76 13.62 16.53
C ASP B 189 48.23 14.63 17.59
N GLY B 190 48.25 14.28 18.86
CA GLY B 190 48.69 15.19 19.90
C GLY B 190 47.63 16.12 20.45
N ILE B 191 46.38 15.98 20.02
CA ILE B 191 45.31 16.85 20.48
C ILE B 191 44.21 15.95 21.05
N PHE B 192 43.55 16.40 22.10
CA PHE B 192 42.48 15.56 22.62
C PHE B 192 41.34 16.44 23.02
N HIS B 193 40.17 15.84 23.14
CA HIS B 193 38.97 16.61 23.39
C HIS B 193 38.33 16.05 24.66
N THR B 194 37.61 16.93 25.38
CA THR B 194 37.06 16.54 26.68
C THR B 194 36.01 15.43 26.57
N ARG B 195 35.44 15.21 25.39
CA ARG B 195 34.57 14.05 25.18
C ARG B 195 35.27 12.77 25.61
N GLU B 196 36.58 12.71 25.40
CA GLU B 196 37.39 11.56 25.79
C GLU B 196 37.54 11.37 27.29
N ILE B 197 37.14 12.32 28.14
CA ILE B 197 37.36 12.08 29.57
C ILE B 197 36.11 12.41 30.38
N THR B 198 34.96 12.57 29.71
CA THR B 198 33.77 12.85 30.50
C THR B 198 33.36 11.63 31.32
N GLU B 199 33.77 10.43 30.88
CA GLU B 199 33.65 9.22 31.68
C GLU B 199 34.16 9.40 33.11
N TRP B 200 35.16 10.28 33.31
CA TRP B 200 35.86 10.37 34.57
C TRP B 200 35.44 11.54 35.42
N VAL B 201 34.45 12.31 35.01
CA VAL B 201 34.11 13.49 35.82
C VAL B 201 33.58 13.03 37.17
N PRO B 202 33.98 13.66 38.28
CA PRO B 202 33.52 13.19 39.59
C PRO B 202 32.00 13.12 39.69
N GLU B 203 31.54 12.20 40.54
CA GLU B 203 30.16 11.74 40.49
C GLU B 203 29.16 12.88 40.72
N GLY B 204 29.37 13.68 41.75
CA GLY B 204 28.37 14.71 42.00
C GLY B 204 28.46 15.97 41.16
N TYR B 205 29.20 15.94 40.07
CA TYR B 205 29.64 17.16 39.39
C TYR B 205 29.40 17.06 37.90
N GLU B 206 29.34 18.23 37.25
CA GLU B 206 29.25 18.27 35.79
C GLU B 206 30.39 19.12 35.24
N LEU B 207 30.87 18.73 34.06
CA LEU B 207 32.03 19.37 33.44
C LEU B 207 31.65 20.69 32.79
N GLN B 208 32.33 21.77 33.19
CA GLN B 208 32.08 23.10 32.63
C GLN B 208 33.14 23.56 31.65
N GLU B 209 34.39 23.12 31.79
CA GLU B 209 35.47 23.52 30.92
C GLU B 209 35.63 22.48 29.83
N VAL B 210 35.45 22.89 28.58
CA VAL B 210 35.19 21.94 27.52
C VAL B 210 35.87 22.39 26.22
N GLY B 211 36.29 21.42 25.41
CA GLY B 211 36.91 21.66 24.12
C GLY B 211 38.18 20.88 23.87
N ASP B 212 39.07 21.41 23.03
CA ASP B 212 40.32 20.74 22.68
C ASP B 212 41.47 21.19 23.56
N PHE B 213 42.47 20.31 23.68
CA PHE B 213 43.60 20.48 24.60
C PHE B 213 44.80 19.70 24.09
N GLN B 214 46.00 20.11 24.50
CA GLN B 214 47.22 19.57 23.88
C GLN B 214 47.95 18.60 24.81
N VAL B 215 48.11 17.35 24.32
CA VAL B 215 48.68 16.24 25.10
C VAL B 215 50.03 16.60 25.69
N GLU B 216 50.94 17.12 24.84
CA GLU B 216 52.33 17.37 25.25
C GLU B 216 52.41 18.34 26.42
N LEU B 217 51.37 19.12 26.65
CA LEU B 217 51.46 20.13 27.70
C LEU B 217 51.20 19.58 29.09
N TYR B 218 50.73 18.33 29.21
CA TYR B 218 50.23 17.86 30.49
C TYR B 218 50.79 16.49 30.84
N LYS B 219 52.05 16.25 30.50
CA LYS B 219 52.70 15.02 30.94
C LYS B 219 53.35 15.17 32.30
N GLU B 220 53.50 16.40 32.79
CA GLU B 220 54.15 16.64 34.07
C GLU B 220 53.25 17.44 35.01
N THR B 221 52.77 18.61 34.59
CA THR B 221 51.80 19.30 35.42
C THR B 221 50.39 19.01 34.90
N PRO B 222 49.39 18.80 35.76
CA PRO B 222 48.06 18.47 35.26
C PRO B 222 47.29 19.66 34.71
N LEU B 223 46.48 19.36 33.70
CA LEU B 223 45.44 20.28 33.23
C LEU B 223 44.31 20.35 34.25
N GLN B 224 43.92 21.58 34.61
CA GLN B 224 42.83 21.81 35.55
C GLN B 224 41.57 22.15 34.77
N LEU B 225 40.53 21.33 34.94
CA LEU B 225 39.28 21.50 34.22
C LEU B 225 38.20 21.86 35.23
N SER B 226 37.48 22.94 34.95
CA SER B 226 36.46 23.39 35.89
C SER B 226 35.28 22.45 35.90
N VAL B 227 34.70 22.27 37.07
CA VAL B 227 33.58 21.39 37.31
C VAL B 227 32.69 22.07 38.35
N THR B 228 31.39 21.80 38.31
CA THR B 228 30.49 22.34 39.33
C THR B 228 29.52 21.27 39.82
N LYS B 229 28.97 21.51 41.01
CA LYS B 229 28.08 20.55 41.65
C LYS B 229 26.73 20.54 40.92
N ILE B 230 26.22 19.34 40.67
CA ILE B 230 24.99 19.21 39.88
C ILE B 230 23.82 19.73 40.69
N LYS B 231 22.92 20.45 40.00
CA LYS B 231 21.72 21.05 40.60
C LYS B 231 22.09 21.92 41.79
N GLN C 16 -32.02 0.55 21.32
CA GLN C 16 -31.85 1.97 20.99
C GLN C 16 -32.24 2.87 22.18
N ASN C 17 -31.43 3.87 22.49
CA ASN C 17 -31.61 4.70 23.68
C ASN C 17 -32.21 6.05 23.29
N VAL C 18 -33.44 6.29 23.71
CA VAL C 18 -34.21 7.47 23.34
C VAL C 18 -34.62 8.20 24.61
N LYS C 19 -34.87 9.50 24.47
CA LYS C 19 -35.38 10.33 25.55
C LYS C 19 -36.75 10.89 25.15
N ILE C 20 -37.72 10.73 26.04
CA ILE C 20 -39.07 11.21 25.81
C ILE C 20 -39.18 12.60 26.45
N ASN C 21 -39.23 13.62 25.61
CA ASN C 21 -39.40 15.00 26.06
C ASN C 21 -40.89 15.23 26.30
N TYR C 22 -41.33 15.00 27.53
CA TYR C 22 -42.70 15.33 27.91
C TYR C 22 -42.80 16.82 28.15
N TYR C 23 -43.69 17.48 27.44
CA TYR C 23 -43.69 18.94 27.41
C TYR C 23 -45.10 19.47 27.52
N ASP C 24 -45.30 20.39 28.46
CA ASP C 24 -46.57 21.07 28.65
C ASP C 24 -46.55 22.33 27.80
N GLU C 25 -47.42 22.39 26.80
CA GLU C 25 -47.43 23.57 25.94
C GLU C 25 -48.26 24.70 26.53
N ASP C 26 -49.22 24.39 27.40
CA ASP C 26 -49.96 25.45 28.09
C ASP C 26 -49.07 26.20 29.08
N ALA C 27 -48.26 25.47 29.85
CA ALA C 27 -47.39 26.07 30.85
C ALA C 27 -45.99 26.33 30.33
N GLU C 28 -45.80 26.29 28.99
CA GLU C 28 -44.53 26.49 28.30
C GLU C 28 -43.32 26.03 29.11
N LYS C 29 -43.31 24.77 29.55
CA LYS C 29 -42.18 24.23 30.29
C LYS C 29 -42.08 22.73 30.05
N GLN C 30 -40.87 22.20 30.10
CA GLN C 30 -40.68 20.77 29.98
C GLN C 30 -41.15 20.08 31.26
N VAL C 31 -42.08 19.16 31.12
CA VAL C 31 -42.56 18.46 32.30
C VAL C 31 -41.54 17.41 32.77
N ALA C 32 -40.91 16.71 31.84
CA ALA C 32 -39.95 15.67 32.19
C ALA C 32 -39.28 15.17 30.92
N GLU C 33 -38.14 14.50 31.12
CA GLU C 33 -37.36 13.94 30.00
C GLU C 33 -36.89 12.56 30.44
N VAL C 34 -37.76 11.56 30.30
CA VAL C 34 -37.44 10.22 30.76
C VAL C 34 -36.74 9.46 29.65
N PRO C 35 -35.69 8.70 29.95
CA PRO C 35 -35.02 7.92 28.90
C PRO C 35 -35.56 6.50 28.82
N VAL C 36 -35.56 5.92 27.61
CA VAL C 36 -36.08 4.57 27.40
C VAL C 36 -35.20 3.85 26.38
N GLN C 37 -35.29 2.53 26.41
CA GLN C 37 -34.68 1.67 25.40
C GLN C 37 -35.78 1.10 24.51
N VAL C 38 -35.62 1.24 23.20
CA VAL C 38 -36.50 0.61 22.21
C VAL C 38 -35.64 -0.23 21.28
N SER C 39 -36.31 -0.98 20.40
CA SER C 39 -35.60 -1.80 19.42
C SER C 39 -34.74 -0.92 18.52
N ILE C 40 -33.75 -1.54 17.90
CA ILE C 40 -32.66 -0.76 17.33
C ILE C 40 -33.06 -0.11 16.00
N ASP C 41 -33.92 -0.74 15.22
CA ASP C 41 -34.31 -0.22 13.91
C ASP C 41 -35.73 0.31 13.87
N THR C 42 -36.16 0.97 14.94
CA THR C 42 -37.44 1.66 14.96
C THR C 42 -37.19 3.15 14.88
N SER C 43 -38.02 3.85 14.10
CA SER C 43 -37.95 5.31 14.03
C SER C 43 -39.23 5.97 14.55
N CYS C 44 -40.12 5.20 15.17
CA CYS C 44 -41.40 5.71 15.63
C CYS C 44 -41.84 4.91 16.84
N VAL C 45 -42.05 5.60 17.98
CA VAL C 45 -42.45 4.94 19.23
C VAL C 45 -43.95 5.06 19.42
N ASN C 46 -44.54 4.08 20.10
CA ASN C 46 -45.99 3.96 20.08
C ASN C 46 -46.61 4.62 21.31
N MET C 47 -47.93 4.79 21.24
CA MET C 47 -48.64 5.52 22.26
C MET C 47 -48.67 4.78 23.58
N ALA C 48 -48.63 3.44 23.55
CA ALA C 48 -48.60 2.66 24.79
C ALA C 48 -47.37 3.00 25.63
N ILE C 49 -46.17 2.96 25.04
CA ILE C 49 -44.98 3.24 25.84
C ILE C 49 -44.88 4.73 26.16
N LEU C 50 -45.46 5.61 25.33
CA LEU C 50 -45.51 7.02 25.69
C LEU C 50 -46.33 7.22 26.97
N THR C 51 -47.45 6.49 27.11
CA THR C 51 -48.27 6.61 28.32
C THR C 51 -47.77 5.73 29.45
N ARG C 52 -47.02 4.67 29.14
CA ARG C 52 -46.41 3.86 30.19
C ARG C 52 -45.46 4.71 31.03
N TYR C 53 -44.57 5.46 30.39
CA TYR C 53 -43.66 6.33 31.11
C TYR C 53 -44.20 7.75 31.27
N MET C 54 -45.52 7.88 31.24
CA MET C 54 -46.15 9.17 31.41
C MET C 54 -45.95 9.69 32.83
N PRO C 55 -45.50 10.93 33.00
CA PRO C 55 -45.44 11.50 34.35
C PRO C 55 -46.83 11.59 34.98
N GLU C 56 -47.06 10.81 36.05
CA GLU C 56 -48.39 10.77 36.65
C GLU C 56 -48.85 12.16 37.02
N GLY C 57 -50.15 12.41 36.84
CA GLY C 57 -50.72 13.73 36.90
C GLY C 57 -51.00 14.37 35.56
N TYR C 58 -50.46 13.79 34.48
CA TYR C 58 -50.51 14.37 33.16
C TYR C 58 -51.14 13.38 32.18
N ALA C 59 -51.68 13.91 31.08
CA ALA C 59 -52.28 13.10 30.02
C ALA C 59 -51.68 13.44 28.66
N LEU C 60 -51.66 12.44 27.77
CA LEU C 60 -51.13 12.64 26.43
C LEU C 60 -52.06 13.53 25.60
N VAL C 61 -51.48 14.54 24.95
CA VAL C 61 -52.19 15.40 24.00
C VAL C 61 -51.88 15.00 22.56
N SER C 62 -50.60 14.90 22.23
CA SER C 62 -50.23 14.53 20.87
C SER C 62 -48.76 14.17 20.84
N SER C 63 -48.39 13.43 19.80
CA SER C 63 -46.99 13.15 19.52
C SER C 63 -46.91 12.60 18.10
N ASP C 64 -45.93 13.08 17.36
CA ASP C 64 -45.71 12.55 16.02
C ASP C 64 -45.00 11.21 16.03
N CYS C 65 -44.57 10.72 17.21
CA CYS C 65 -43.99 9.40 17.46
C CYS C 65 -42.54 9.29 16.98
N ILE C 66 -42.08 10.27 16.21
CA ILE C 66 -40.83 10.16 15.46
C ILE C 66 -39.65 10.43 16.38
N ILE C 67 -38.64 9.55 16.30
CA ILE C 67 -37.38 9.71 17.02
C ILE C 67 -36.52 10.70 16.23
N ARG C 68 -36.45 11.96 16.71
CA ARG C 68 -35.63 13.01 16.12
C ARG C 68 -34.37 13.19 16.95
N ASP C 69 -33.24 12.78 16.39
CA ASP C 69 -31.93 12.96 17.06
C ASP C 69 -31.96 12.33 18.44
N GLY C 70 -32.64 11.19 18.57
CA GLY C 70 -32.80 10.52 19.84
C GLY C 70 -33.83 11.11 20.77
N TYR C 71 -34.61 12.10 20.33
CA TYR C 71 -35.67 12.68 21.15
C TYR C 71 -37.04 12.39 20.54
N VAL C 72 -38.02 12.10 21.38
CA VAL C 72 -39.43 12.03 20.97
C VAL C 72 -40.17 13.16 21.68
N TYR C 73 -40.77 14.06 20.91
CA TYR C 73 -41.54 15.17 21.45
C TYR C 73 -42.97 14.72 21.76
N VAL C 74 -43.46 15.06 22.96
CA VAL C 74 -44.79 14.64 23.40
C VAL C 74 -45.45 15.82 24.11
N SER C 75 -46.53 16.33 23.52
CA SER C 75 -47.34 17.36 24.15
C SER C 75 -48.19 16.71 25.24
N VAL C 76 -48.16 17.26 26.45
CA VAL C 76 -48.91 16.73 27.59
C VAL C 76 -49.56 17.86 28.36
N LYS C 77 -50.42 17.47 29.30
CA LYS C 77 -51.30 18.42 29.96
C LYS C 77 -51.80 17.79 31.26
N LYS C 78 -51.90 18.58 32.31
CA LYS C 78 -52.31 18.05 33.60
C LYS C 78 -53.69 18.57 33.97
N ASP C 79 -54.26 17.94 35.00
CA ASP C 79 -55.55 18.35 35.55
C ASP C 79 -56.67 18.24 34.52
N VAL C 80 -56.64 17.21 33.67
CA VAL C 80 -57.74 16.94 32.76
C VAL C 80 -58.14 15.47 32.86
N GLU C 81 -59.39 15.19 32.52
CA GLU C 81 -59.84 13.80 32.52
C GLU C 81 -59.08 12.99 31.47
N ILE C 82 -58.70 11.77 31.85
CA ILE C 82 -58.05 10.85 30.93
C ILE C 82 -59.10 9.88 30.42
N ARG C 83 -59.20 9.74 29.10
CA ARG C 83 -60.21 8.91 28.48
C ARG C 83 -59.60 8.09 27.35
N GLU C 84 -60.16 6.92 27.08
CA GLU C 84 -59.52 6.04 26.11
C GLU C 84 -60.10 6.20 24.71
N ALA C 85 -59.24 6.15 23.69
CA ALA C 85 -59.66 5.98 22.31
C ALA C 85 -59.69 4.49 21.97
N VAL C 86 -60.76 4.07 21.31
CA VAL C 86 -60.94 2.67 20.94
C VAL C 86 -61.02 2.58 19.42
N LEU C 87 -60.14 1.77 18.84
CA LEU C 87 -60.15 1.45 17.41
C LEU C 87 -60.56 0.00 17.21
N HIS C 88 -61.67 -0.22 16.50
CA HIS C 88 -62.03 -1.53 15.96
C HIS C 88 -61.47 -1.62 14.54
N ILE C 89 -60.37 -2.33 14.36
CA ILE C 89 -59.77 -2.47 13.04
C ILE C 89 -60.20 -3.81 12.45
N THR C 90 -60.70 -3.80 11.22
CA THR C 90 -61.06 -5.01 10.49
C THR C 90 -60.11 -5.16 9.30
N PHE C 91 -59.73 -6.40 9.02
CA PHE C 91 -58.86 -6.72 7.90
C PHE C 91 -59.68 -7.54 6.93
N GLU C 92 -59.95 -6.96 5.75
CA GLU C 92 -60.73 -7.58 4.68
C GLU C 92 -59.75 -7.89 3.57
N THR C 93 -59.90 -9.02 2.97
CA THR C 93 -59.08 -9.23 1.80
C THR C 93 -59.82 -8.66 0.59
N PRO C 94 -59.19 -8.43 -0.58
CA PRO C 94 -59.87 -7.64 -1.63
C PRO C 94 -61.23 -8.16 -2.04
N ASN C 95 -61.48 -9.46 -1.99
CA ASN C 95 -62.84 -9.92 -2.25
C ASN C 95 -63.82 -9.57 -1.15
N GLY C 96 -63.36 -8.98 -0.04
CA GLY C 96 -64.26 -8.59 1.03
C GLY C 96 -64.41 -9.60 2.15
N GLU C 97 -63.67 -10.70 2.14
CA GLU C 97 -63.77 -11.66 3.23
C GLU C 97 -62.92 -11.15 4.41
N VAL C 98 -63.50 -11.21 5.60
CA VAL C 98 -62.79 -10.78 6.81
C VAL C 98 -61.67 -11.76 7.09
N VAL C 99 -60.43 -11.26 7.18
CA VAL C 99 -59.32 -12.06 7.70
C VAL C 99 -59.39 -12.14 9.23
N THR C 100 -59.26 -11.01 9.90
CA THR C 100 -59.43 -10.98 11.34
C THR C 100 -59.93 -9.61 11.77
N THR C 101 -60.33 -9.51 13.03
CA THR C 101 -60.68 -8.23 13.64
C THR C 101 -59.86 -8.07 14.91
N GLU C 102 -59.69 -6.83 15.35
CA GLU C 102 -59.01 -6.59 16.61
C GLU C 102 -59.33 -5.20 17.11
N THR C 103 -59.34 -5.07 18.44
CA THR C 103 -59.60 -3.83 19.13
C THR C 103 -58.30 -3.33 19.75
N VAL C 104 -57.97 -2.05 19.50
CA VAL C 104 -56.77 -1.42 20.03
C VAL C 104 -57.18 -0.18 20.82
N THR C 105 -56.32 0.23 21.77
CA THR C 105 -56.71 1.17 22.82
C THR C 105 -55.59 2.14 23.12
N ALA C 106 -55.94 3.39 23.40
CA ALA C 106 -54.97 4.35 23.94
C ALA C 106 -55.67 5.28 24.93
N GLU C 107 -54.93 5.75 25.92
CA GLU C 107 -55.45 6.68 26.93
C GLU C 107 -54.91 8.09 26.70
N GLY C 108 -55.76 9.09 26.82
CA GLY C 108 -55.29 10.44 26.61
C GLY C 108 -56.22 11.49 27.15
N ALA C 109 -55.88 12.75 26.89
CA ALA C 109 -56.63 13.87 27.42
C ALA C 109 -57.96 14.00 26.71
N ASP C 110 -59.02 14.21 27.51
CA ASP C 110 -60.33 14.52 26.96
C ASP C 110 -60.24 15.74 26.06
N GLY C 111 -60.91 15.68 24.91
CA GLY C 111 -60.83 16.75 23.94
C GLY C 111 -59.74 16.61 22.90
N GLU C 112 -58.89 15.59 23.01
CA GLU C 112 -57.71 15.43 22.17
C GLU C 112 -57.81 14.13 21.37
N ASP C 113 -56.85 13.96 20.46
CA ASP C 113 -56.90 12.95 19.40
C ASP C 113 -55.74 11.98 19.52
N ALA C 114 -56.06 10.68 19.55
CA ALA C 114 -55.11 9.61 19.38
C ALA C 114 -54.88 9.34 17.90
N VAL C 115 -53.65 8.97 17.55
CA VAL C 115 -53.31 8.66 16.16
C VAL C 115 -52.76 7.24 16.15
N PHE C 116 -53.60 6.28 15.76
CA PHE C 116 -53.16 4.89 15.66
C PHE C 116 -52.40 4.71 14.34
N ARG C 117 -51.17 4.23 14.42
CA ARG C 117 -50.31 4.13 13.26
C ARG C 117 -50.01 2.65 12.95
N LEU C 118 -50.13 2.30 11.67
CA LEU C 118 -50.02 0.90 11.19
C LEU C 118 -48.76 0.16 11.62
N GLY C 119 -47.66 0.76 11.99
CA GLY C 119 -46.55 -0.13 12.39
C GLY C 119 -46.33 -0.11 13.87
N VAL C 120 -46.88 0.90 14.49
CA VAL C 120 -46.58 1.30 15.88
C VAL C 120 -47.67 0.86 16.87
N ASP C 121 -48.93 1.18 16.61
CA ASP C 121 -50.00 0.91 17.59
C ASP C 121 -50.80 -0.38 17.32
N PHE C 122 -50.72 -0.98 16.14
CA PHE C 122 -51.41 -2.22 15.80
C PHE C 122 -50.71 -2.83 14.60
N ASN C 123 -50.83 -4.15 14.43
CA ASN C 123 -50.08 -4.82 13.38
C ASN C 123 -51.00 -5.53 12.40
N LEU C 124 -50.50 -5.75 11.20
CA LEU C 124 -51.19 -6.57 10.23
C LEU C 124 -51.37 -7.98 10.79
N PRO C 125 -52.38 -8.71 10.33
CA PRO C 125 -52.46 -10.14 10.67
C PRO C 125 -51.24 -10.88 10.15
N THR C 126 -50.78 -11.85 10.94
CA THR C 126 -49.58 -12.58 10.57
C THR C 126 -49.80 -13.36 9.28
N GLY C 127 -48.87 -13.21 8.35
CA GLY C 127 -48.97 -13.83 7.04
C GLY C 127 -49.53 -12.93 5.97
N TYR C 128 -49.88 -11.69 6.31
CA TYR C 128 -50.57 -10.79 5.40
C TYR C 128 -49.78 -9.50 5.25
N LYS C 129 -49.94 -8.87 4.09
CA LYS C 129 -49.36 -7.57 3.81
C LYS C 129 -50.48 -6.66 3.33
N LEU C 130 -50.17 -5.36 3.27
CA LEU C 130 -51.08 -4.41 2.64
C LEU C 130 -51.28 -4.75 1.16
N SER C 131 -52.50 -4.50 0.68
CA SER C 131 -52.91 -4.85 -0.67
C SER C 131 -52.30 -3.90 -1.69
N ASN C 132 -51.74 -4.47 -2.76
CA ASN C 132 -51.16 -3.69 -3.85
C ASN C 132 -52.20 -3.17 -4.85
N ASP C 133 -53.49 -3.30 -4.55
CA ASP C 133 -54.55 -2.98 -5.49
C ASP C 133 -55.16 -1.59 -5.29
N ARG C 134 -54.76 -0.86 -4.26
CA ARG C 134 -55.38 0.44 -3.97
C ARG C 134 -54.46 1.27 -3.08
N ASP C 135 -54.81 2.53 -2.95
CA ASP C 135 -54.23 3.41 -1.94
C ASP C 135 -55.18 3.45 -0.75
N GLN C 136 -54.61 3.41 0.46
CA GLN C 136 -55.40 3.48 1.68
C GLN C 136 -54.57 4.09 2.80
N VAL C 137 -55.24 4.53 3.85
CA VAL C 137 -54.58 5.22 4.95
C VAL C 137 -53.88 4.19 5.85
N THR C 138 -52.82 4.63 6.53
CA THR C 138 -52.15 3.78 7.50
C THR C 138 -52.13 4.37 8.90
N GLU C 139 -52.70 5.56 9.10
CA GLU C 139 -52.87 6.18 10.40
C GLU C 139 -54.34 6.48 10.59
N ILE C 140 -54.87 6.19 11.77
CA ILE C 140 -56.27 6.44 12.07
C ILE C 140 -56.34 7.35 13.30
N THR C 141 -57.02 8.48 13.14
CA THR C 141 -57.16 9.48 14.20
C THR C 141 -58.51 9.32 14.89
N ILE C 142 -58.49 9.16 16.21
CA ILE C 142 -59.72 8.92 16.97
C ILE C 142 -59.68 9.76 18.25
N PRO C 143 -60.69 10.59 18.52
CA PRO C 143 -60.71 11.36 19.78
C PRO C 143 -60.68 10.45 21.01
N PHE C 144 -59.78 10.77 21.95
CA PHE C 144 -59.86 10.15 23.27
C PHE C 144 -61.27 10.30 23.83
N GLY C 145 -61.85 9.18 24.23
CA GLY C 145 -63.23 9.17 24.66
C GLY C 145 -64.23 8.71 23.62
N SER C 146 -63.80 8.22 22.47
CA SER C 146 -64.76 7.70 21.51
C SER C 146 -64.22 6.43 20.85
N THR C 147 -65.09 5.77 20.08
CA THR C 147 -64.73 4.58 19.34
C THR C 147 -64.79 4.87 17.85
N GLY C 148 -63.77 4.44 17.13
CA GLY C 148 -63.73 4.57 15.69
C GLY C 148 -63.63 3.22 15.01
N GLY C 149 -64.13 3.15 13.78
CA GLY C 149 -64.10 1.95 12.99
C GLY C 149 -63.31 2.16 11.72
N HIS C 150 -62.55 1.14 11.32
CA HIS C 150 -61.81 1.23 10.08
C HIS C 150 -61.54 -0.17 9.54
N THR C 151 -61.64 -0.30 8.22
CA THR C 151 -61.32 -1.54 7.51
C THR C 151 -60.10 -1.33 6.64
N MET C 152 -59.13 -2.23 6.77
CA MET C 152 -57.86 -2.16 6.06
C MET C 152 -57.72 -3.40 5.18
N VAL C 153 -57.27 -3.22 3.93
CA VAL C 153 -57.32 -4.31 2.94
C VAL C 153 -55.95 -4.94 2.79
N VAL C 154 -55.89 -6.27 2.96
CA VAL C 154 -54.64 -7.00 3.04
C VAL C 154 -54.66 -8.13 2.02
N GLU C 155 -53.49 -8.72 1.81
CA GLU C 155 -53.27 -9.82 0.88
C GLU C 155 -52.33 -10.82 1.55
N LYS C 156 -52.56 -12.10 1.32
CA LYS C 156 -51.68 -13.11 1.90
C LYS C 156 -50.26 -12.89 1.39
N GLY C 157 -49.30 -12.89 2.32
CA GLY C 157 -47.91 -12.70 1.94
C GLY C 157 -47.37 -13.90 1.19
N ASP C 158 -47.62 -15.10 1.71
CA ASP C 158 -47.17 -16.35 1.10
C ASP C 158 -48.36 -17.05 0.47
N LEU C 159 -48.22 -17.43 -0.80
CA LEU C 159 -49.33 -17.98 -1.58
C LEU C 159 -49.14 -19.47 -1.84
N SER C 160 -48.31 -20.14 -1.06
CA SER C 160 -47.95 -21.52 -1.32
C SER C 160 -49.18 -22.43 -1.34
N SER C 161 -49.05 -23.54 -2.08
CA SER C 161 -50.03 -24.61 -2.10
C SER C 161 -49.38 -25.89 -1.58
N ILE C 162 -50.25 -26.85 -1.25
CA ILE C 162 -49.87 -28.21 -0.89
C ILE C 162 -49.88 -29.06 -2.15
N VAL C 163 -48.79 -29.79 -2.39
CA VAL C 163 -48.71 -30.75 -3.48
C VAL C 163 -48.23 -32.09 -2.94
N LYS C 164 -48.80 -33.17 -3.48
CA LYS C 164 -48.38 -34.52 -3.13
C LYS C 164 -47.21 -34.92 -4.02
N ILE C 165 -46.18 -35.51 -3.41
CA ILE C 165 -44.98 -35.94 -4.12
C ILE C 165 -44.56 -37.31 -3.58
N GLN C 166 -44.18 -38.20 -4.51
CA GLN C 166 -43.53 -39.47 -4.19
C GLN C 166 -42.17 -39.49 -4.85
N PHE C 167 -41.11 -39.56 -4.04
CA PHE C 167 -39.79 -39.92 -4.56
C PHE C 167 -39.80 -41.41 -4.91
N VAL C 168 -39.30 -41.73 -6.10
CA VAL C 168 -39.48 -43.06 -6.66
C VAL C 168 -38.15 -43.51 -7.26
N ASP C 169 -37.79 -44.77 -7.00
CA ASP C 169 -36.48 -45.29 -7.42
C ASP C 169 -36.53 -45.63 -8.90
N ALA C 170 -35.72 -44.95 -9.71
CA ALA C 170 -35.70 -45.21 -11.15
C ALA C 170 -35.41 -46.67 -11.45
N GLU C 171 -34.49 -47.28 -10.70
CA GLU C 171 -34.29 -48.71 -10.67
C GLU C 171 -35.31 -49.36 -9.74
N ASN C 172 -35.51 -50.67 -9.91
CA ASN C 172 -36.51 -51.41 -9.15
C ASN C 172 -37.93 -50.92 -9.49
N ASN C 173 -38.16 -50.67 -10.77
CA ASN C 173 -39.51 -50.45 -11.30
C ASN C 173 -40.26 -49.36 -10.53
N ASP C 174 -39.57 -48.27 -10.24
CA ASP C 174 -40.14 -47.10 -9.56
C ASP C 174 -40.76 -47.49 -8.21
N GLU C 175 -39.85 -47.81 -7.28
CA GLU C 175 -40.22 -48.23 -5.92
C GLU C 175 -40.29 -47.00 -5.01
N VAL C 176 -41.48 -46.72 -4.48
CA VAL C 176 -41.69 -45.48 -3.72
C VAL C 176 -40.84 -45.50 -2.46
N VAL C 177 -39.95 -44.52 -2.34
CA VAL C 177 -38.94 -44.47 -1.28
C VAL C 177 -39.36 -43.55 -0.14
N ALA C 178 -39.97 -42.41 -0.45
CA ALA C 178 -40.42 -41.43 0.55
C ALA C 178 -41.45 -40.53 -0.11
N GLY C 179 -41.97 -39.59 0.66
CA GLY C 179 -42.89 -38.62 0.09
C GLY C 179 -43.86 -38.11 1.14
N GLY C 180 -44.58 -37.05 0.74
CA GLY C 180 -45.55 -36.44 1.62
C GLY C 180 -46.20 -35.23 0.97
N ASP C 181 -46.72 -34.34 1.80
CA ASP C 181 -47.31 -33.08 1.37
C ASP C 181 -46.31 -31.96 1.69
N TYR C 182 -45.94 -31.18 0.68
CA TYR C 182 -44.99 -30.10 0.88
C TYR C 182 -45.55 -28.82 0.31
N PHE C 183 -45.18 -27.71 0.93
CA PHE C 183 -45.53 -26.38 0.46
C PHE C 183 -44.57 -25.95 -0.63
N VAL C 184 -45.11 -25.40 -1.72
CA VAL C 184 -44.34 -24.90 -2.85
C VAL C 184 -45.05 -23.68 -3.41
N ASP C 185 -44.37 -22.97 -4.30
CA ASP C 185 -44.97 -21.89 -5.09
C ASP C 185 -45.37 -20.72 -4.19
N GLY C 186 -44.40 -20.19 -3.44
CA GLY C 186 -44.68 -19.06 -2.57
C GLY C 186 -45.24 -17.86 -3.32
N ASP C 187 -44.83 -17.68 -4.58
CA ASP C 187 -45.29 -16.57 -5.38
C ASP C 187 -46.67 -16.81 -5.99
N GLY C 188 -47.18 -18.03 -5.92
CA GLY C 188 -48.52 -18.29 -6.39
C GLY C 188 -48.72 -18.23 -7.88
N ASP C 189 -47.70 -18.55 -8.67
CA ASP C 189 -47.87 -18.55 -10.12
C ASP C 189 -48.42 -19.87 -10.64
N GLY C 190 -48.69 -20.84 -9.77
CA GLY C 190 -49.15 -22.14 -10.20
C GLY C 190 -48.06 -23.06 -10.72
N ILE C 191 -46.80 -22.62 -10.67
CA ILE C 191 -45.66 -23.38 -11.15
C ILE C 191 -44.66 -23.48 -10.02
N PHE C 192 -44.03 -24.64 -9.90
CA PHE C 192 -42.98 -24.80 -8.90
C PHE C 192 -41.85 -25.61 -9.53
N HIS C 193 -40.71 -25.56 -8.89
CA HIS C 193 -39.49 -26.13 -9.40
C HIS C 193 -38.88 -27.03 -8.35
N THR C 194 -38.24 -28.11 -8.77
CA THR C 194 -37.67 -29.16 -7.89
C THR C 194 -36.81 -28.56 -6.80
N ARG C 195 -36.36 -27.34 -7.01
CA ARG C 195 -35.52 -26.53 -6.10
C ARG C 195 -36.17 -26.45 -4.72
N GLU C 196 -37.49 -26.29 -4.68
CA GLU C 196 -38.33 -26.19 -3.47
C GLU C 196 -38.53 -27.51 -2.72
N ILE C 197 -38.14 -28.67 -3.25
CA ILE C 197 -38.38 -29.90 -2.52
C ILE C 197 -37.12 -30.69 -2.24
N THR C 198 -35.95 -30.21 -2.67
CA THR C 198 -34.72 -30.99 -2.56
C THR C 198 -34.34 -31.27 -1.12
N GLU C 199 -34.75 -30.39 -0.19
CA GLU C 199 -34.48 -30.65 1.22
C GLU C 199 -35.06 -31.99 1.65
N TRP C 200 -36.23 -32.33 1.14
CA TRP C 200 -36.89 -33.59 1.45
C TRP C 200 -36.31 -34.79 0.71
N VAL C 201 -35.19 -34.64 0.01
CA VAL C 201 -34.69 -35.79 -0.74
C VAL C 201 -34.29 -36.89 0.23
N PRO C 202 -34.71 -38.14 0.01
CA PRO C 202 -34.43 -39.21 0.97
C PRO C 202 -32.94 -39.37 1.24
N GLU C 203 -32.64 -40.05 2.33
CA GLU C 203 -31.41 -39.83 3.07
C GLU C 203 -30.16 -40.26 2.30
N GLY C 204 -30.27 -41.27 1.44
CA GLY C 204 -29.10 -41.72 0.71
C GLY C 204 -29.28 -41.73 -0.79
N TYR C 205 -30.01 -40.75 -1.32
CA TYR C 205 -30.41 -40.74 -2.71
C TYR C 205 -30.08 -39.39 -3.35
N GLU C 206 -30.14 -39.38 -4.68
CA GLU C 206 -29.96 -38.20 -5.51
C GLU C 206 -31.19 -38.01 -6.39
N LEU C 207 -31.65 -36.77 -6.54
CA LEU C 207 -32.81 -36.49 -7.36
C LEU C 207 -32.42 -36.43 -8.84
N GLN C 208 -33.27 -36.98 -9.70
CA GLN C 208 -33.00 -37.02 -11.14
C GLN C 208 -34.14 -36.54 -12.02
N GLU C 209 -35.40 -36.54 -11.55
CA GLU C 209 -36.48 -35.80 -12.23
C GLU C 209 -36.38 -34.35 -11.75
N VAL C 210 -35.94 -33.45 -12.62
CA VAL C 210 -35.64 -32.06 -12.26
C VAL C 210 -36.36 -31.11 -13.21
N GLY C 211 -36.67 -29.91 -12.71
CA GLY C 211 -37.26 -28.85 -13.53
C GLY C 211 -38.51 -28.21 -12.96
N ASP C 212 -39.46 -27.85 -13.83
CA ASP C 212 -40.68 -27.12 -13.49
C ASP C 212 -41.91 -28.02 -13.59
N PHE C 213 -42.89 -27.74 -12.72
CA PHE C 213 -44.12 -28.52 -12.64
C PHE C 213 -45.27 -27.64 -12.18
N GLN C 214 -46.49 -28.07 -12.53
CA GLN C 214 -47.71 -27.30 -12.32
C GLN C 214 -48.40 -27.73 -11.03
N VAL C 215 -48.78 -26.75 -10.19
CA VAL C 215 -49.36 -27.06 -8.90
C VAL C 215 -50.69 -27.78 -9.07
N GLU C 216 -51.57 -27.23 -9.90
CA GLU C 216 -52.95 -27.71 -10.00
C GLU C 216 -53.03 -29.19 -10.38
N LEU C 217 -52.02 -29.71 -11.07
CA LEU C 217 -52.08 -31.11 -11.52
C LEU C 217 -51.88 -32.11 -10.39
N TYR C 218 -51.32 -31.69 -9.26
CA TYR C 218 -50.93 -32.63 -8.22
C TYR C 218 -51.53 -32.25 -6.86
N LYS C 219 -52.78 -31.81 -6.85
CA LYS C 219 -53.48 -31.61 -5.59
C LYS C 219 -53.92 -32.95 -5.00
N GLU C 220 -54.58 -33.78 -5.80
CA GLU C 220 -55.08 -35.07 -5.34
C GLU C 220 -54.10 -36.22 -5.63
N THR C 221 -53.53 -36.28 -6.86
CA THR C 221 -52.65 -37.37 -7.28
C THR C 221 -51.19 -36.99 -7.05
N PRO C 222 -50.37 -37.87 -6.47
CA PRO C 222 -48.97 -37.52 -6.21
C PRO C 222 -48.18 -37.37 -7.49
N LEU C 223 -47.06 -36.65 -7.38
CA LEU C 223 -46.12 -36.46 -8.47
C LEU C 223 -44.94 -37.41 -8.29
N GLN C 224 -44.68 -38.22 -9.31
CA GLN C 224 -43.61 -39.20 -9.24
C GLN C 224 -42.33 -38.61 -9.80
N LEU C 225 -41.35 -38.42 -8.92
CA LEU C 225 -40.04 -37.90 -9.26
C LEU C 225 -39.01 -39.00 -9.06
N SER C 226 -38.14 -39.18 -10.04
CA SER C 226 -37.23 -40.31 -10.02
C SER C 226 -35.98 -39.97 -9.22
N VAL C 227 -35.48 -40.96 -8.49
CA VAL C 227 -34.38 -40.80 -7.56
C VAL C 227 -33.48 -42.03 -7.67
N THR C 228 -32.18 -41.85 -7.39
CA THR C 228 -31.20 -42.95 -7.48
C THR C 228 -30.27 -42.94 -6.28
N LYS C 229 -29.77 -44.13 -5.92
CA LYS C 229 -28.85 -44.29 -4.82
C LYS C 229 -27.51 -43.65 -5.12
N ILE C 230 -26.80 -43.28 -4.05
CA ILE C 230 -25.46 -42.72 -4.16
C ILE C 230 -24.42 -43.84 -4.09
N GLU D 1 43.69 11.26 -15.99
CA GLU D 1 43.65 11.89 -17.31
C GLU D 1 42.56 11.28 -18.17
N VAL D 2 42.45 9.95 -18.13
CA VAL D 2 41.45 9.23 -18.91
C VAL D 2 40.05 9.61 -18.44
N LYS D 3 39.20 10.02 -19.37
CA LYS D 3 37.85 10.39 -18.98
C LYS D 3 36.88 9.94 -20.07
N LEU D 4 35.72 9.46 -19.62
CA LEU D 4 34.63 8.99 -20.46
C LEU D 4 33.35 9.56 -19.90
N GLU D 5 32.54 10.22 -20.73
CA GLU D 5 31.44 11.02 -20.23
C GLU D 5 30.21 10.71 -21.06
N GLU D 6 29.25 9.99 -20.47
CA GLU D 6 28.04 9.58 -21.19
C GLU D 6 26.93 10.61 -21.06
N SER D 7 26.02 10.58 -22.03
CA SER D 7 24.86 11.45 -22.04
C SER D 7 23.78 10.84 -22.92
N GLY D 8 22.56 11.34 -22.76
CA GLY D 8 21.44 10.97 -23.61
C GLY D 8 20.39 10.12 -22.92
N GLY D 9 20.71 9.57 -21.76
CA GLY D 9 19.70 8.88 -20.98
C GLY D 9 18.48 9.74 -20.80
N ASP D 10 17.31 9.13 -20.83
CA ASP D 10 16.05 9.83 -20.75
C ASP D 10 14.97 8.82 -20.42
N LEU D 11 13.76 9.34 -20.22
CA LEU D 11 12.58 8.52 -20.05
C LEU D 11 11.96 8.28 -21.41
N VAL D 12 11.74 7.00 -21.76
CA VAL D 12 11.26 6.58 -23.07
C VAL D 12 10.12 5.59 -22.92
N LYS D 13 9.11 5.70 -23.76
CA LYS D 13 7.99 4.79 -23.72
C LYS D 13 8.39 3.42 -24.25
N PRO D 14 7.75 2.35 -23.77
CA PRO D 14 8.00 1.01 -24.35
C PRO D 14 7.79 0.99 -25.85
N GLY D 15 8.69 0.30 -26.54
CA GLY D 15 8.72 0.31 -27.98
C GLY D 15 9.52 1.43 -28.61
N GLY D 16 10.03 2.37 -27.80
CA GLY D 16 10.70 3.53 -28.34
C GLY D 16 12.16 3.27 -28.72
N SER D 17 12.82 4.34 -29.14
CA SER D 17 14.24 4.32 -29.43
C SER D 17 14.92 5.50 -28.74
N LEU D 18 16.24 5.42 -28.63
CA LEU D 18 17.03 6.42 -27.94
C LEU D 18 18.48 6.13 -28.26
N LYS D 19 19.29 7.17 -28.42
CA LYS D 19 20.70 7.02 -28.72
C LYS D 19 21.53 7.62 -27.60
N LEU D 20 22.50 6.85 -27.11
CA LEU D 20 23.45 7.28 -26.07
C LEU D 20 24.77 7.67 -26.71
N SER D 21 25.47 8.63 -26.10
CA SER D 21 26.79 9.07 -26.57
C SER D 21 27.80 9.04 -25.44
N CYS D 22 29.07 8.89 -25.80
CA CYS D 22 30.15 8.90 -24.84
C CYS D 22 31.31 9.69 -25.42
N ALA D 23 31.63 10.81 -24.77
CA ALA D 23 32.75 11.65 -25.16
C ALA D 23 33.99 11.16 -24.42
N ALA D 24 35.03 10.83 -25.17
CA ALA D 24 36.21 10.23 -24.59
C ALA D 24 37.39 11.20 -24.71
N SER D 25 38.19 11.29 -23.66
CA SER D 25 39.39 12.12 -23.73
C SER D 25 40.45 11.55 -22.80
N GLY D 26 41.65 12.10 -22.91
CA GLY D 26 42.78 11.67 -22.11
C GLY D 26 43.53 10.49 -22.69
N PHE D 27 43.17 10.01 -23.86
CA PHE D 27 43.88 8.88 -24.44
C PHE D 27 43.61 8.83 -25.94
N THR D 28 44.43 8.07 -26.64
CA THR D 28 44.23 7.95 -28.09
C THR D 28 43.04 7.05 -28.40
N PHE D 29 41.87 7.68 -28.58
CA PHE D 29 40.61 6.95 -28.64
C PHE D 29 40.59 5.93 -29.77
N SER D 30 41.00 6.33 -30.99
CA SER D 30 40.95 5.44 -32.14
C SER D 30 41.87 4.23 -32.03
N SER D 31 42.69 4.14 -31.00
CA SER D 31 43.49 2.93 -30.82
C SER D 31 42.85 1.88 -29.90
N TYR D 32 41.71 2.18 -29.26
CA TYR D 32 41.15 1.28 -28.25
C TYR D 32 39.83 0.69 -28.70
N GLY D 33 39.63 -0.59 -28.40
CA GLY D 33 38.30 -1.13 -28.35
C GLY D 33 37.49 -0.47 -27.26
N MET D 34 36.18 -0.40 -27.44
CA MET D 34 35.32 0.28 -26.50
C MET D 34 34.06 -0.55 -26.30
N SER D 35 33.40 -0.36 -25.16
CA SER D 35 32.25 -1.17 -24.81
C SER D 35 31.22 -0.35 -24.04
N TRP D 36 30.02 -0.92 -23.94
CA TRP D 36 28.92 -0.46 -23.10
C TRP D 36 28.54 -1.58 -22.13
N VAL D 37 28.40 -1.23 -20.83
CA VAL D 37 27.90 -2.16 -19.82
C VAL D 37 26.75 -1.48 -19.09
N ARG D 38 25.66 -2.20 -18.83
CA ARG D 38 24.54 -1.64 -18.09
C ARG D 38 24.41 -2.30 -16.72
N GLN D 39 23.83 -1.55 -15.78
CA GLN D 39 23.56 -2.03 -14.43
C GLN D 39 22.08 -1.83 -14.11
N THR D 40 21.40 -2.92 -13.84
CA THR D 40 19.97 -2.94 -13.53
C THR D 40 19.74 -2.49 -12.10
N PRO D 41 18.50 -2.13 -11.75
CA PRO D 41 18.21 -1.76 -10.35
C PRO D 41 18.69 -2.76 -9.30
N ASP D 42 18.61 -4.07 -9.58
CA ASP D 42 19.15 -5.06 -8.63
C ASP D 42 20.67 -5.06 -8.56
N LYS D 43 21.31 -4.09 -9.22
CA LYS D 43 22.75 -3.86 -9.22
C LYS D 43 23.52 -4.91 -10.02
N ARG D 44 22.85 -5.77 -10.77
CA ARG D 44 23.59 -6.68 -11.62
C ARG D 44 24.22 -5.94 -12.81
N LEU D 45 25.41 -6.39 -13.19
CA LEU D 45 26.15 -5.88 -14.33
C LEU D 45 25.88 -6.78 -15.54
N GLU D 46 25.56 -6.16 -16.68
CA GLU D 46 25.33 -6.90 -17.93
C GLU D 46 26.03 -6.20 -19.08
N TRP D 47 26.93 -6.91 -19.77
CA TRP D 47 27.64 -6.34 -20.91
C TRP D 47 26.70 -6.24 -22.10
N VAL D 48 26.75 -5.13 -22.82
CA VAL D 48 25.75 -4.99 -23.90
C VAL D 48 26.35 -4.82 -25.28
N ALA D 49 27.58 -4.31 -25.41
CA ALA D 49 28.16 -4.24 -26.74
C ALA D 49 29.62 -3.85 -26.64
N THR D 50 30.38 -4.24 -27.66
CA THR D 50 31.79 -3.90 -27.79
C THR D 50 32.10 -3.61 -29.25
N ILE D 51 33.07 -2.72 -29.50
CA ILE D 51 33.49 -2.41 -30.86
C ILE D 51 35.01 -2.33 -30.91
N SER D 52 35.60 -2.86 -31.97
CA SER D 52 37.04 -2.77 -32.13
C SER D 52 37.45 -1.34 -32.45
N SER D 53 38.75 -1.07 -32.34
CA SER D 53 39.27 0.29 -32.52
C SER D 53 38.87 0.88 -33.87
N GLY D 54 39.02 0.11 -34.94
CA GLY D 54 38.66 0.56 -36.28
C GLY D 54 37.24 0.32 -36.66
N GLY D 55 36.43 -0.23 -35.76
CA GLY D 55 35.03 -0.48 -36.07
C GLY D 55 34.75 -1.80 -36.79
N SER D 56 35.78 -2.48 -37.28
CA SER D 56 35.62 -3.71 -38.05
C SER D 56 34.83 -4.81 -37.34
N TYR D 57 34.93 -4.90 -36.02
CA TYR D 57 34.32 -5.96 -35.22
C TYR D 57 33.38 -5.38 -34.19
N THR D 58 32.16 -5.89 -34.16
CA THR D 58 31.20 -5.54 -33.13
C THR D 58 30.61 -6.82 -32.58
N TYR D 59 30.20 -6.77 -31.31
CA TYR D 59 29.73 -7.96 -30.59
C TYR D 59 28.60 -7.56 -29.66
N TYR D 60 27.60 -8.43 -29.56
CA TYR D 60 26.40 -8.20 -28.78
C TYR D 60 25.94 -9.48 -28.11
N PRO D 61 25.35 -9.38 -26.92
CA PRO D 61 24.65 -10.52 -26.32
C PRO D 61 23.26 -10.67 -26.89
N ASP D 62 22.69 -11.90 -26.76
CA ASP D 62 21.40 -12.19 -27.35
C ASP D 62 20.26 -11.34 -26.78
N SER D 63 20.43 -10.81 -25.57
CA SER D 63 19.31 -10.06 -24.99
C SER D 63 19.02 -8.79 -25.76
N VAL D 64 19.96 -8.31 -26.56
CA VAL D 64 19.83 -7.02 -27.21
C VAL D 64 20.04 -7.14 -28.71
N LYS D 65 20.48 -8.32 -29.17
CA LYS D 65 20.87 -8.43 -30.58
C LYS D 65 19.69 -8.09 -31.48
N GLY D 66 19.97 -7.28 -32.50
CA GLY D 66 18.91 -6.85 -33.40
C GLY D 66 18.13 -5.65 -32.93
N ARG D 67 18.40 -5.15 -31.73
CA ARG D 67 17.76 -3.95 -31.22
C ARG D 67 18.76 -2.84 -30.92
N PHE D 68 19.98 -3.21 -30.52
CA PHE D 68 21.00 -2.25 -30.13
C PHE D 68 22.13 -2.32 -31.14
N THR D 69 22.72 -1.17 -31.45
CA THR D 69 23.88 -1.14 -32.33
C THR D 69 24.89 -0.15 -31.80
N ILE D 70 26.15 -0.52 -31.95
CA ILE D 70 27.25 0.24 -31.42
C ILE D 70 28.01 0.81 -32.60
N SER D 71 28.37 2.09 -32.50
CA SER D 71 29.22 2.75 -33.47
C SER D 71 30.15 3.69 -32.74
N ARG D 72 31.21 4.11 -33.43
CA ARG D 72 32.08 5.15 -32.95
C ARG D 72 32.36 6.16 -34.06
N ASP D 73 32.79 7.35 -33.65
CA ASP D 73 33.27 8.37 -34.58
C ASP D 73 34.68 8.67 -34.12
N ASN D 74 35.67 8.22 -34.89
CA ASN D 74 37.03 8.44 -34.47
C ASN D 74 37.54 9.84 -34.83
N ALA D 75 36.69 10.71 -35.37
CA ALA D 75 37.08 12.09 -35.59
C ALA D 75 36.66 12.94 -34.40
N LYS D 76 35.43 12.77 -33.94
CA LYS D 76 34.91 13.37 -32.72
C LYS D 76 35.32 12.65 -31.43
N ASN D 77 35.94 11.47 -31.50
CA ASN D 77 36.32 10.70 -30.29
C ASN D 77 35.11 10.42 -29.40
N THR D 78 34.10 9.80 -30.00
CA THR D 78 32.79 9.61 -29.39
C THR D 78 32.32 8.18 -29.64
N LEU D 79 31.69 7.58 -28.63
CA LEU D 79 31.13 6.25 -28.75
C LEU D 79 29.61 6.37 -28.69
N TYR D 80 28.91 5.55 -29.48
CA TYR D 80 27.46 5.65 -29.51
C TYR D 80 26.85 4.29 -29.28
N LEU D 81 25.61 4.30 -28.79
CA LEU D 81 24.79 3.10 -28.68
C LEU D 81 23.40 3.49 -29.08
N GLN D 82 22.90 2.99 -30.22
CA GLN D 82 21.52 3.21 -30.62
C GLN D 82 20.66 2.05 -30.15
N MET D 83 19.53 2.36 -29.54
CA MET D 83 18.64 1.34 -29.02
C MET D 83 17.26 1.54 -29.63
N SER D 84 16.62 0.44 -30.03
CA SER D 84 15.26 0.51 -30.54
C SER D 84 14.47 -0.62 -29.91
N SER D 85 13.15 -0.57 -30.12
CA SER D 85 12.21 -1.53 -29.56
C SER D 85 12.47 -1.75 -28.07
N LEU D 86 12.65 -0.64 -27.33
CA LEU D 86 13.03 -0.70 -25.93
C LEU D 86 11.96 -1.39 -25.08
N LYS D 87 12.41 -2.19 -24.12
CA LYS D 87 11.53 -2.89 -23.20
C LYS D 87 11.80 -2.41 -21.78
N SER D 88 10.78 -2.58 -20.94
CA SER D 88 10.88 -2.32 -19.51
C SER D 88 12.18 -2.84 -18.95
N GLU D 89 12.58 -4.05 -19.35
CA GLU D 89 13.78 -4.69 -18.85
C GLU D 89 15.07 -4.05 -19.35
N ASP D 90 14.99 -3.10 -20.27
CA ASP D 90 16.19 -2.34 -20.61
C ASP D 90 16.47 -1.19 -19.64
N THR D 91 15.55 -0.90 -18.72
CA THR D 91 15.77 0.15 -17.73
C THR D 91 17.05 -0.12 -16.94
N ALA D 92 18.01 0.78 -17.02
CA ALA D 92 19.31 0.51 -16.42
C ALA D 92 20.12 1.80 -16.42
N MET D 93 21.20 1.78 -15.66
CA MET D 93 22.26 2.77 -15.83
C MET D 93 23.24 2.25 -16.86
N TYR D 94 23.54 3.05 -17.87
CA TYR D 94 24.41 2.61 -18.96
C TYR D 94 25.78 3.22 -18.78
N TYR D 95 26.79 2.37 -18.74
CA TYR D 95 28.16 2.82 -18.62
C TYR D 95 28.89 2.58 -19.92
N CYS D 96 29.72 3.56 -20.25
CA CYS D 96 30.71 3.48 -21.30
C CYS D 96 32.00 2.98 -20.68
N ALA D 97 32.71 2.11 -21.37
CA ALA D 97 33.90 1.52 -20.78
C ALA D 97 34.96 1.33 -21.86
N ARG D 98 36.21 1.38 -21.45
CA ARG D 98 37.31 1.24 -22.39
C ARG D 98 37.81 -0.21 -22.47
N ARG D 99 38.27 -0.58 -23.65
CA ARG D 99 38.72 -1.91 -24.03
C ARG D 99 37.52 -2.82 -24.25
N GLY D 100 37.76 -4.02 -24.73
CA GLY D 100 36.64 -4.83 -25.15
C GLY D 100 36.61 -6.21 -24.53
N PHE D 101 37.30 -6.39 -23.43
CA PHE D 101 37.38 -7.72 -22.83
C PHE D 101 37.11 -7.57 -21.35
N TYR D 102 38.13 -7.21 -20.59
CA TYR D 102 37.92 -6.49 -19.34
C TYR D 102 37.82 -4.99 -19.65
N PHE D 103 37.50 -4.20 -18.63
CA PHE D 103 37.08 -2.82 -18.79
C PHE D 103 37.92 -1.96 -17.86
N ASP D 104 38.96 -1.31 -18.36
CA ASP D 104 39.90 -0.75 -17.40
C ASP D 104 39.53 0.66 -16.94
N TYR D 105 38.63 1.33 -17.65
CA TYR D 105 38.07 2.60 -17.21
C TYR D 105 36.59 2.61 -17.51
N TRP D 106 35.82 3.14 -16.56
CA TRP D 106 34.39 3.29 -16.73
C TRP D 106 34.01 4.75 -16.57
N GLY D 107 32.96 5.16 -17.26
CA GLY D 107 32.41 6.48 -17.05
C GLY D 107 31.48 6.49 -15.84
N GLN D 108 30.75 7.59 -15.72
CA GLN D 108 29.83 7.84 -14.62
C GLN D 108 28.45 7.28 -14.88
N GLY D 109 28.13 6.88 -16.10
CA GLY D 109 26.81 6.34 -16.37
C GLY D 109 25.79 7.39 -16.75
N THR D 110 24.87 7.00 -17.62
CA THR D 110 23.69 7.81 -17.86
C THR D 110 22.47 6.91 -17.67
N THR D 111 21.33 7.48 -17.29
CA THR D 111 20.20 6.66 -16.86
C THR D 111 19.08 6.61 -17.90
N LEU D 112 18.70 5.38 -18.26
CA LEU D 112 17.60 5.08 -19.18
C LEU D 112 16.44 4.50 -18.40
N THR D 113 15.26 5.08 -18.58
CA THR D 113 14.04 4.58 -17.97
C THR D 113 13.02 4.29 -19.06
N VAL D 114 12.59 3.04 -19.16
CA VAL D 114 11.58 2.64 -20.13
C VAL D 114 10.29 2.43 -19.37
N SER D 115 9.31 3.30 -19.62
CA SER D 115 8.08 3.26 -18.85
C SER D 115 7.01 4.05 -19.61
N SER D 116 5.77 3.72 -19.32
CA SER D 116 4.63 4.47 -19.83
C SER D 116 4.26 5.66 -18.96
N ALA D 117 4.89 5.81 -17.79
CA ALA D 117 4.55 6.92 -16.91
C ALA D 117 5.16 8.22 -17.41
N SER D 118 4.63 9.33 -16.90
CA SER D 118 5.04 10.66 -17.30
C SER D 118 5.92 11.30 -16.24
N THR D 119 6.85 12.14 -16.70
CA THR D 119 7.71 12.88 -15.81
C THR D 119 6.89 13.65 -14.79
N LYS D 120 7.34 13.64 -13.54
CA LYS D 120 6.77 14.48 -12.49
C LYS D 120 7.89 15.00 -11.59
N GLY D 121 7.93 16.31 -11.41
CA GLY D 121 8.92 16.95 -10.56
C GLY D 121 8.58 16.82 -9.09
N PRO D 122 9.61 16.82 -8.25
CA PRO D 122 9.42 16.56 -6.82
C PRO D 122 8.87 17.78 -6.08
N SER D 123 8.08 17.52 -5.04
CA SER D 123 7.83 18.51 -4.01
C SER D 123 8.93 18.43 -2.96
N VAL D 124 9.35 19.57 -2.43
CA VAL D 124 10.46 19.60 -1.48
C VAL D 124 9.98 20.21 -0.18
N PHE D 125 10.12 19.45 0.91
CA PHE D 125 9.61 19.83 2.21
C PHE D 125 10.73 19.78 3.24
N PRO D 126 10.72 20.71 4.19
CA PRO D 126 11.78 20.74 5.20
C PRO D 126 11.50 19.76 6.32
N LEU D 127 12.57 19.17 6.83
CA LEU D 127 12.52 18.43 8.09
C LEU D 127 13.15 19.33 9.14
N ALA D 128 12.33 20.01 9.89
CA ALA D 128 12.82 21.09 10.73
C ALA D 128 13.40 20.54 12.03
N PRO D 129 14.50 21.13 12.52
CA PRO D 129 15.05 20.75 13.82
C PRO D 129 14.12 21.17 14.96
N GLY D 137 24.18 20.38 22.31
CA GLY D 137 24.72 19.22 21.60
C GLY D 137 24.51 19.34 20.10
N THR D 138 24.05 18.27 19.49
CA THR D 138 23.82 18.25 18.06
C THR D 138 22.33 18.25 17.76
N ALA D 139 21.97 18.87 16.66
CA ALA D 139 20.62 18.86 16.13
C ALA D 139 20.61 18.18 14.76
N ALA D 140 19.51 17.53 14.43
CA ALA D 140 19.34 16.92 13.11
C ALA D 140 18.26 17.69 12.36
N LEU D 141 18.58 18.05 11.12
CA LEU D 141 17.61 18.70 10.24
C LEU D 141 17.68 17.99 8.90
N GLY D 142 16.71 18.24 8.05
CA GLY D 142 16.75 17.57 6.80
C GLY D 142 15.72 18.08 5.83
N CYS D 143 15.46 17.24 4.85
CA CYS D 143 14.83 17.68 3.63
C CYS D 143 14.13 16.45 3.07
N LEU D 144 12.84 16.57 2.76
CA LEU D 144 12.05 15.50 2.20
C LEU D 144 11.71 15.82 0.75
N VAL D 145 12.04 14.92 -0.16
CA VAL D 145 11.89 15.13 -1.60
C VAL D 145 10.86 14.14 -2.10
N LYS D 146 9.62 14.58 -2.32
CA LYS D 146 8.48 13.69 -2.44
C LYS D 146 7.82 13.72 -3.82
N ASP D 147 7.51 12.50 -4.33
CA ASP D 147 6.66 12.28 -5.50
C ASP D 147 7.25 12.73 -6.82
N TYR D 148 8.43 12.27 -7.18
CA TYR D 148 9.01 12.51 -8.49
C TYR D 148 9.08 11.20 -9.26
N PHE D 149 9.13 11.26 -10.60
CA PHE D 149 9.16 9.92 -11.18
C PHE D 149 10.47 9.49 -11.82
N PRO D 150 10.94 10.07 -12.91
CA PRO D 150 12.19 9.56 -13.48
C PRO D 150 13.27 9.68 -12.42
N GLU D 151 14.16 8.69 -12.36
CA GLU D 151 14.79 8.27 -11.11
C GLU D 151 15.90 9.16 -10.53
N PRO D 152 16.87 9.64 -11.32
CA PRO D 152 17.96 10.40 -10.70
C PRO D 152 17.48 11.72 -10.13
N VAL D 153 17.55 11.84 -8.81
CA VAL D 153 17.45 13.11 -8.11
C VAL D 153 18.78 13.31 -7.40
N THR D 154 19.33 14.53 -7.41
CA THR D 154 20.53 14.81 -6.64
C THR D 154 20.25 15.84 -5.55
N VAL D 155 20.86 15.64 -4.39
CA VAL D 155 20.64 16.48 -3.22
C VAL D 155 21.99 16.81 -2.61
N SER D 156 22.24 18.10 -2.41
CA SER D 156 23.42 18.58 -1.73
C SER D 156 22.97 19.62 -0.70
N TRP D 157 23.88 19.96 0.20
CA TRP D 157 23.61 20.92 1.25
C TRP D 157 24.55 22.10 1.09
N ASN D 158 24.01 23.30 1.07
CA ASN D 158 24.81 24.52 1.00
C ASN D 158 25.70 24.51 -0.23
N SER D 159 25.12 24.11 -1.37
CA SER D 159 25.80 24.11 -2.66
C SER D 159 26.95 23.11 -2.68
N GLY D 160 26.78 21.99 -1.98
CA GLY D 160 27.82 20.99 -1.89
C GLY D 160 28.91 21.25 -0.89
N ALA D 161 28.89 22.39 -0.18
CA ALA D 161 29.99 22.66 0.74
C ALA D 161 29.84 21.94 2.08
N LEU D 162 28.62 21.60 2.49
CA LEU D 162 28.40 20.89 3.74
C LEU D 162 28.23 19.41 3.41
N THR D 163 29.21 18.60 3.84
CA THR D 163 29.17 17.17 3.63
C THR D 163 29.36 16.38 4.90
N SER D 164 29.95 16.96 5.94
CA SER D 164 30.16 16.27 7.20
C SER D 164 28.82 15.94 7.87
N GLY D 165 28.59 14.66 8.15
CA GLY D 165 27.34 14.29 8.80
C GLY D 165 26.11 14.27 7.92
N VAL D 166 26.26 14.33 6.60
CA VAL D 166 25.12 14.29 5.70
C VAL D 166 24.79 12.83 5.39
N HIS D 167 23.52 12.50 5.40
CA HIS D 167 23.04 11.18 4.99
C HIS D 167 21.88 11.39 4.02
N THR D 168 22.09 11.01 2.77
CA THR D 168 21.04 11.04 1.75
C THR D 168 20.57 9.61 1.52
N PHE D 169 19.30 9.36 1.72
CA PHE D 169 18.85 7.98 1.73
C PHE D 169 18.44 7.51 0.34
N PRO D 170 18.61 6.21 0.05
CA PRO D 170 18.20 5.68 -1.26
C PRO D 170 16.73 6.00 -1.52
N ALA D 171 16.41 6.18 -2.80
CA ALA D 171 15.03 6.44 -3.17
C ALA D 171 14.21 5.19 -2.92
N VAL D 172 12.99 5.37 -2.40
CA VAL D 172 12.02 4.28 -2.28
C VAL D 172 10.91 4.50 -3.31
N LEU D 173 10.31 3.39 -3.75
CA LEU D 173 9.22 3.41 -4.72
C LEU D 173 7.90 3.38 -3.97
N GLN D 174 7.12 4.45 -4.07
CA GLN D 174 5.85 4.46 -3.37
C GLN D 174 4.81 3.66 -4.17
N SER D 175 3.74 3.26 -3.48
CA SER D 175 2.69 2.47 -4.13
C SER D 175 2.00 3.25 -5.24
N SER D 176 2.15 4.57 -5.26
CA SER D 176 1.60 5.41 -6.31
C SER D 176 2.44 5.38 -7.58
N GLY D 177 3.54 4.62 -7.61
CA GLY D 177 4.46 4.69 -8.71
C GLY D 177 5.45 5.84 -8.65
N LEU D 178 5.39 6.68 -7.63
CA LEU D 178 6.27 7.83 -7.49
C LEU D 178 7.39 7.55 -6.46
N TYR D 179 8.58 8.07 -6.75
CA TYR D 179 9.70 7.95 -5.84
C TYR D 179 9.65 9.03 -4.75
N SER D 180 10.33 8.75 -3.64
CA SER D 180 10.45 9.70 -2.53
C SER D 180 11.73 9.40 -1.76
N LEU D 181 12.27 10.42 -1.12
CA LEU D 181 13.64 10.37 -0.65
C LEU D 181 13.83 11.44 0.42
N SER D 182 14.68 11.13 1.40
CA SER D 182 15.03 12.08 2.44
C SER D 182 16.54 12.30 2.48
N SER D 183 16.94 13.49 2.89
CA SER D 183 18.33 13.80 3.16
C SER D 183 18.38 14.55 4.47
N VAL D 184 19.31 14.18 5.35
CA VAL D 184 19.44 14.83 6.65
C VAL D 184 20.90 15.21 6.87
N VAL D 185 21.12 16.03 7.89
CA VAL D 185 22.46 16.36 8.33
C VAL D 185 22.38 16.72 9.80
N THR D 186 23.45 16.45 10.52
CA THR D 186 23.55 16.77 11.92
C THR D 186 24.52 17.95 12.08
N VAL D 187 24.15 18.89 12.93
CA VAL D 187 24.96 20.10 13.12
C VAL D 187 24.94 20.48 14.60
N PRO D 188 25.89 21.30 15.02
CA PRO D 188 25.78 21.95 16.34
C PRO D 188 24.46 22.70 16.50
N SER D 189 23.75 22.40 17.59
CA SER D 189 22.52 23.13 17.89
C SER D 189 22.75 24.62 18.02
N SER D 190 23.90 25.04 18.54
CA SER D 190 24.10 26.48 18.63
C SER D 190 24.32 27.14 17.27
N SER D 191 24.46 26.36 16.17
CA SER D 191 24.56 26.99 14.87
C SER D 191 23.20 27.36 14.31
N LEU D 192 22.12 26.81 14.86
CA LEU D 192 20.81 27.15 14.37
C LEU D 192 20.50 28.60 14.72
N GLY D 193 19.93 29.33 13.78
CA GLY D 193 19.74 30.74 14.06
C GLY D 193 20.96 31.61 13.87
N THR D 194 22.12 31.03 13.59
CA THR D 194 23.20 31.78 12.95
C THR D 194 23.36 31.34 11.51
N GLN D 195 23.76 30.09 11.31
CA GLN D 195 24.00 29.55 9.98
C GLN D 195 22.68 29.33 9.24
N THR D 196 22.72 29.55 7.94
CA THR D 196 21.61 29.21 7.06
C THR D 196 21.91 27.87 6.38
N TYR D 197 20.96 26.94 6.44
CA TYR D 197 21.14 25.62 5.85
C TYR D 197 20.16 25.44 4.70
N ILE D 198 20.72 25.19 3.51
CA ILE D 198 19.99 25.07 2.26
C ILE D 198 20.18 23.66 1.71
N CYS D 199 19.07 22.98 1.39
CA CYS D 199 19.16 21.74 0.64
C CYS D 199 18.87 22.04 -0.83
N ASN D 200 19.86 21.76 -1.67
CA ASN D 200 19.78 22.01 -3.10
C ASN D 200 19.30 20.74 -3.77
N VAL D 201 18.10 20.77 -4.33
CA VAL D 201 17.51 19.60 -4.97
C VAL D 201 17.52 19.84 -6.48
N ASN D 202 18.00 18.86 -7.25
CA ASN D 202 17.97 18.93 -8.70
C ASN D 202 17.38 17.64 -9.27
N HIS D 203 16.30 17.77 -10.03
CA HIS D 203 15.65 16.67 -10.75
C HIS D 203 15.71 17.04 -12.24
N LYS D 204 16.76 16.61 -12.90
CA LYS D 204 16.95 17.03 -14.27
C LYS D 204 15.86 16.51 -15.22
N PRO D 205 15.39 15.27 -15.06
CA PRO D 205 14.28 14.80 -15.92
C PRO D 205 13.10 15.75 -16.02
N SER D 206 12.85 16.59 -15.01
CA SER D 206 11.78 17.56 -15.09
C SER D 206 12.29 18.99 -15.11
N ASN D 207 13.60 19.18 -15.27
CA ASN D 207 14.25 20.49 -15.17
C ASN D 207 13.76 21.26 -13.94
N THR D 208 13.79 20.58 -12.81
CA THR D 208 13.37 21.15 -11.55
C THR D 208 14.59 21.33 -10.65
N LYS D 209 14.73 22.54 -10.12
CA LYS D 209 15.86 22.90 -9.30
C LYS D 209 15.30 23.72 -8.16
N VAL D 210 15.53 23.29 -6.92
CA VAL D 210 14.98 23.94 -5.74
C VAL D 210 16.09 24.11 -4.72
N ASP D 211 16.11 25.25 -4.04
CA ASP D 211 17.07 25.56 -2.99
C ASP D 211 16.27 25.86 -1.73
N LYS D 212 16.05 24.85 -0.89
CA LYS D 212 15.12 24.97 0.23
C LYS D 212 15.88 25.30 1.51
N LYS D 213 15.62 26.49 2.06
CA LYS D 213 16.13 26.84 3.38
C LYS D 213 15.40 26.03 4.44
N VAL D 214 16.16 25.38 5.33
CA VAL D 214 15.59 24.61 6.42
C VAL D 214 15.93 25.33 7.72
N GLU D 215 14.92 25.76 8.44
CA GLU D 215 15.08 26.56 9.65
C GLU D 215 14.19 26.01 10.76
N PRO D 216 14.53 26.30 12.02
CA PRO D 216 13.69 25.80 13.12
C PRO D 216 12.40 26.59 13.24
N LYS D 217 11.37 25.89 13.69
CA LYS D 217 10.13 26.48 14.21
C LYS D 217 9.26 25.38 14.77
N GLU E 1 -41.51 11.78 -20.85
CA GLU E 1 -41.27 12.50 -22.10
C GLU E 1 -40.24 13.62 -21.93
N VAL E 2 -40.34 14.35 -20.83
CA VAL E 2 -39.35 15.35 -20.45
C VAL E 2 -37.96 14.70 -20.48
N LYS E 3 -37.06 15.23 -21.30
CA LYS E 3 -35.72 14.67 -21.43
C LYS E 3 -34.68 15.77 -21.27
N LEU E 4 -33.73 15.52 -20.39
CA LEU E 4 -32.56 16.37 -20.20
C LEU E 4 -31.34 15.52 -20.48
N GLU E 5 -30.54 15.96 -21.45
CA GLU E 5 -29.38 15.20 -21.89
C GLU E 5 -28.20 16.14 -21.92
N GLU E 6 -27.19 15.84 -21.12
CA GLU E 6 -26.05 16.72 -20.96
C GLU E 6 -24.79 16.08 -21.53
N SER E 7 -23.94 16.93 -22.09
CA SER E 7 -22.68 16.53 -22.69
C SER E 7 -21.62 17.56 -22.32
N GLY E 8 -20.37 17.20 -22.59
CA GLY E 8 -19.27 18.13 -22.50
C GLY E 8 -18.23 17.81 -21.45
N GLY E 9 -18.48 16.84 -20.57
CA GLY E 9 -17.53 16.59 -19.51
C GLY E 9 -16.29 15.89 -20.03
N ASP E 10 -15.17 16.14 -19.37
CA ASP E 10 -13.89 15.65 -19.86
C ASP E 10 -12.90 15.60 -18.71
N LEU E 11 -11.69 15.16 -19.02
CA LEU E 11 -10.54 15.42 -18.18
C LEU E 11 -10.01 16.81 -18.51
N VAL E 12 -9.71 17.60 -17.47
CA VAL E 12 -9.23 18.98 -17.63
C VAL E 12 -8.17 19.24 -16.57
N LYS E 13 -7.08 19.87 -16.99
CA LYS E 13 -6.01 20.21 -16.05
C LYS E 13 -6.44 21.33 -15.11
N PRO E 14 -5.93 21.33 -13.88
CA PRO E 14 -6.32 22.38 -12.94
C PRO E 14 -6.00 23.75 -13.55
N GLY E 15 -6.90 24.69 -13.30
CA GLY E 15 -6.81 25.99 -13.91
C GLY E 15 -7.49 26.10 -15.26
N GLY E 16 -7.89 24.97 -15.85
CA GLY E 16 -8.48 24.97 -17.16
C GLY E 16 -9.88 25.56 -17.20
N SER E 17 -10.55 25.33 -18.33
CA SER E 17 -11.90 25.75 -18.55
C SER E 17 -12.64 24.62 -19.26
N LEU E 18 -13.97 24.70 -19.27
CA LEU E 18 -14.81 23.71 -19.94
C LEU E 18 -16.24 24.21 -19.93
N LYS E 19 -16.96 23.97 -21.03
CA LYS E 19 -18.36 24.37 -21.17
C LYS E 19 -19.25 23.13 -21.31
N LEU E 20 -20.16 22.96 -20.36
CA LEU E 20 -21.15 21.89 -20.42
C LEU E 20 -22.40 22.37 -21.12
N SER E 21 -23.19 21.41 -21.60
CA SER E 21 -24.39 21.68 -22.38
C SER E 21 -25.47 20.70 -21.93
N CYS E 22 -26.72 21.08 -22.16
CA CYS E 22 -27.84 20.24 -21.76
C CYS E 22 -28.94 20.42 -22.78
N ALA E 23 -29.27 19.33 -23.48
CA ALA E 23 -30.34 19.36 -24.46
C ALA E 23 -31.65 19.01 -23.78
N ALA E 24 -32.66 19.84 -23.99
CA ALA E 24 -33.94 19.66 -23.34
C ALA E 24 -35.02 19.46 -24.39
N SER E 25 -35.91 18.53 -24.11
CA SER E 25 -36.99 18.17 -25.01
C SER E 25 -38.15 17.67 -24.18
N GLY E 26 -39.34 17.76 -24.75
CA GLY E 26 -40.53 17.22 -24.11
C GLY E 26 -41.31 18.21 -23.28
N PHE E 27 -40.86 19.46 -23.23
CA PHE E 27 -41.58 20.50 -22.51
C PHE E 27 -41.20 21.86 -23.10
N THR E 28 -42.03 22.86 -22.85
CA THR E 28 -41.75 24.20 -23.36
C THR E 28 -40.57 24.76 -22.59
N PHE E 29 -39.37 24.61 -23.15
CA PHE E 29 -38.14 24.95 -22.43
C PHE E 29 -38.19 26.38 -21.91
N SER E 30 -38.60 27.33 -22.77
CA SER E 30 -38.48 28.75 -22.48
C SER E 30 -39.36 29.22 -21.33
N SER E 31 -40.27 28.38 -20.83
CA SER E 31 -41.13 28.81 -19.73
C SER E 31 -40.64 28.35 -18.37
N TYR E 32 -39.54 27.60 -18.30
CA TYR E 32 -39.07 27.04 -17.05
C TYR E 32 -37.71 27.61 -16.66
N GLY E 33 -37.55 27.91 -15.37
CA GLY E 33 -36.22 28.05 -14.82
C GLY E 33 -35.45 26.75 -14.93
N MET E 34 -34.13 26.84 -14.80
CA MET E 34 -33.27 25.69 -14.99
C MET E 34 -32.02 25.85 -14.13
N SER E 35 -31.43 24.71 -13.79
CA SER E 35 -30.38 24.72 -12.78
C SER E 35 -29.39 23.62 -13.08
N TRP E 36 -28.26 23.71 -12.41
CA TRP E 36 -27.22 22.68 -12.45
C TRP E 36 -26.91 22.29 -11.02
N VAL E 37 -26.79 20.99 -10.79
CA VAL E 37 -26.47 20.44 -9.48
C VAL E 37 -25.39 19.39 -9.68
N ARG E 38 -24.37 19.40 -8.85
CA ARG E 38 -23.28 18.47 -8.98
C ARG E 38 -23.20 17.56 -7.77
N GLN E 39 -22.74 16.34 -8.00
CA GLN E 39 -22.55 15.36 -6.95
C GLN E 39 -21.09 14.98 -6.93
N THR E 40 -20.43 15.16 -5.79
CA THR E 40 -18.99 15.02 -5.67
C THR E 40 -18.61 13.58 -5.35
N PRO E 41 -17.31 13.25 -5.32
CA PRO E 41 -16.89 11.89 -4.92
C PRO E 41 -17.56 11.35 -3.66
N ASP E 42 -17.69 12.16 -2.60
CA ASP E 42 -18.30 11.69 -1.37
C ASP E 42 -19.80 11.47 -1.50
N LYS E 43 -20.40 11.80 -2.65
CA LYS E 43 -21.80 11.60 -3.01
C LYS E 43 -22.73 12.64 -2.38
N ARG E 44 -22.22 13.83 -2.09
CA ARG E 44 -23.02 14.93 -1.60
C ARG E 44 -23.53 15.78 -2.76
N LEU E 45 -24.78 16.23 -2.65
CA LEU E 45 -25.39 17.09 -3.65
C LEU E 45 -25.08 18.55 -3.33
N GLU E 46 -24.69 19.30 -4.35
CA GLU E 46 -24.35 20.71 -4.18
C GLU E 46 -24.88 21.49 -5.38
N TRP E 47 -25.73 22.48 -5.10
CA TRP E 47 -26.32 23.29 -6.17
C TRP E 47 -25.28 24.25 -6.75
N VAL E 48 -25.26 24.37 -8.08
CA VAL E 48 -24.22 25.09 -8.80
C VAL E 48 -24.73 26.41 -9.38
N ALA E 49 -25.95 26.43 -9.91
CA ALA E 49 -26.41 27.62 -10.61
C ALA E 49 -27.85 27.46 -11.01
N THR E 50 -28.56 28.58 -11.09
CA THR E 50 -29.93 28.65 -11.56
C THR E 50 -30.06 29.85 -12.47
N ILE E 51 -30.98 29.77 -13.43
CA ILE E 51 -31.31 30.87 -14.32
C ILE E 51 -32.81 30.87 -14.53
N SER E 52 -33.40 32.06 -14.55
CA SER E 52 -34.83 32.18 -14.80
C SER E 52 -35.15 31.83 -16.25
N SER E 53 -36.46 31.78 -16.54
CA SER E 53 -36.91 31.31 -17.85
C SER E 53 -36.49 32.25 -18.97
N GLY E 54 -36.54 33.56 -18.73
CA GLY E 54 -36.07 34.56 -19.67
C GLY E 54 -34.65 35.03 -19.45
N GLY E 55 -33.86 34.34 -18.64
CA GLY E 55 -32.50 34.74 -18.36
C GLY E 55 -32.30 35.94 -17.43
N SER E 56 -33.37 36.68 -17.10
CA SER E 56 -33.20 37.92 -16.34
C SER E 56 -32.43 37.73 -15.03
N TYR E 57 -32.59 36.58 -14.37
CA TYR E 57 -32.00 36.35 -13.05
C TYR E 57 -31.09 35.16 -13.09
N THR E 58 -29.91 35.30 -12.50
CA THR E 58 -28.99 34.20 -12.31
C THR E 58 -28.57 34.18 -10.84
N TYR E 59 -28.23 32.99 -10.35
CA TYR E 59 -27.90 32.79 -8.95
C TYR E 59 -26.80 31.74 -8.86
N TYR E 60 -25.86 31.96 -7.96
CA TYR E 60 -24.74 31.05 -7.77
C TYR E 60 -24.42 30.99 -6.29
N PRO E 61 -23.82 29.88 -5.84
CA PRO E 61 -23.22 29.87 -4.50
C PRO E 61 -21.82 30.47 -4.54
N ASP E 62 -21.38 30.96 -3.37
CA ASP E 62 -20.02 31.49 -3.23
C ASP E 62 -18.96 30.53 -3.73
N SER E 63 -19.22 29.22 -3.67
CA SER E 63 -18.20 28.23 -4.01
C SER E 63 -17.73 28.38 -5.45
N VAL E 64 -18.59 28.89 -6.33
CA VAL E 64 -18.27 28.97 -7.74
C VAL E 64 -18.42 30.37 -8.30
N LYS E 65 -18.86 31.33 -7.49
CA LYS E 65 -19.05 32.69 -7.96
C LYS E 65 -17.77 33.22 -8.57
N GLY E 66 -17.87 33.82 -9.75
CA GLY E 66 -16.74 34.35 -10.47
C GLY E 66 -16.14 33.42 -11.49
N ARG E 67 -16.30 32.11 -11.32
CA ARG E 67 -15.70 31.12 -12.21
C ARG E 67 -16.70 30.40 -13.11
N PHE E 68 -17.92 30.20 -12.66
CA PHE E 68 -18.93 29.50 -13.45
C PHE E 68 -19.99 30.51 -13.86
N THR E 69 -20.56 30.30 -15.04
CA THR E 69 -21.59 31.19 -15.54
C THR E 69 -22.64 30.33 -16.23
N ILE E 70 -23.89 30.69 -16.06
CA ILE E 70 -25.00 29.91 -16.57
C ILE E 70 -25.69 30.71 -17.67
N SER E 71 -25.99 30.03 -18.78
CA SER E 71 -26.63 30.64 -19.92
C SER E 71 -27.56 29.61 -20.54
N ARG E 72 -28.55 30.11 -21.29
CA ARG E 72 -29.52 29.25 -21.96
C ARG E 72 -29.86 29.82 -23.33
N ASP E 73 -30.19 28.93 -24.25
CA ASP E 73 -30.54 29.30 -25.63
C ASP E 73 -31.99 28.86 -25.84
N ASN E 74 -32.93 29.79 -25.73
CA ASN E 74 -34.34 29.46 -25.85
C ASN E 74 -34.79 29.21 -27.29
N ALA E 75 -33.88 29.24 -28.26
CA ALA E 75 -34.17 28.86 -29.63
C ALA E 75 -33.66 27.46 -29.96
N LYS E 76 -32.53 27.07 -29.38
CA LYS E 76 -32.00 25.72 -29.48
C LYS E 76 -32.46 24.80 -28.35
N ASN E 77 -33.16 25.33 -27.33
CA ASN E 77 -33.62 24.54 -26.17
C ASN E 77 -32.45 23.87 -25.44
N THR E 78 -31.43 24.67 -25.13
CA THR E 78 -30.18 24.17 -24.56
C THR E 78 -29.76 25.02 -23.37
N LEU E 79 -29.20 24.36 -22.35
CA LEU E 79 -28.71 25.02 -21.15
C LEU E 79 -27.20 24.87 -21.10
N TYR E 80 -26.50 25.93 -20.72
CA TYR E 80 -25.05 25.92 -20.74
C TYR E 80 -24.48 26.23 -19.37
N LEU E 81 -23.33 25.62 -19.07
CA LEU E 81 -22.59 25.95 -17.86
C LEU E 81 -21.13 26.16 -18.24
N GLN E 82 -20.67 27.42 -18.20
CA GLN E 82 -19.30 27.78 -18.57
C GLN E 82 -18.45 27.86 -17.31
N MET E 83 -17.39 27.05 -17.26
CA MET E 83 -16.51 26.95 -16.12
C MET E 83 -15.10 27.38 -16.50
N SER E 84 -14.50 28.23 -15.67
CA SER E 84 -13.11 28.61 -15.81
C SER E 84 -12.42 28.49 -14.45
N SER E 85 -11.09 28.55 -14.47
CA SER E 85 -10.28 28.47 -13.25
C SER E 85 -10.63 27.23 -12.42
N LEU E 86 -10.73 26.09 -13.09
CA LEU E 86 -11.22 24.86 -12.45
C LEU E 86 -10.22 24.29 -11.45
N LYS E 87 -10.73 23.74 -10.36
CA LYS E 87 -9.94 23.20 -9.27
C LYS E 87 -10.29 21.74 -9.04
N SER E 88 -9.41 21.04 -8.30
CA SER E 88 -9.65 19.64 -7.96
C SER E 88 -10.99 19.46 -7.27
N GLU E 89 -11.36 20.42 -6.40
CA GLU E 89 -12.64 20.36 -5.70
C GLU E 89 -13.81 20.29 -6.66
N ASP E 90 -13.66 20.84 -7.87
CA ASP E 90 -14.76 20.87 -8.82
C ASP E 90 -15.07 19.52 -9.46
N THR E 91 -14.23 18.51 -9.23
CA THR E 91 -14.47 17.18 -9.79
C THR E 91 -15.79 16.62 -9.26
N ALA E 92 -16.71 16.32 -10.17
CA ALA E 92 -18.03 15.84 -9.76
C ALA E 92 -18.80 15.39 -11.00
N MET E 93 -19.90 14.70 -10.74
CA MET E 93 -20.92 14.49 -11.75
C MET E 93 -21.80 15.73 -11.77
N TYR E 94 -22.04 16.28 -12.95
CA TYR E 94 -22.82 17.51 -13.09
C TYR E 94 -24.15 17.16 -13.75
N TYR E 95 -25.24 17.45 -13.03
CA TYR E 95 -26.60 17.20 -13.49
C TYR E 95 -27.26 18.49 -13.94
N CYS E 96 -28.04 18.38 -15.00
CA CYS E 96 -28.97 19.41 -15.43
C CYS E 96 -30.34 19.12 -14.81
N ALA E 97 -30.98 20.14 -14.24
CA ALA E 97 -32.26 19.95 -13.59
C ALA E 97 -33.25 21.02 -13.99
N ARG E 98 -34.51 20.65 -14.06
CA ARG E 98 -35.57 21.60 -14.38
C ARG E 98 -36.14 22.25 -13.11
N ARG E 99 -36.52 23.54 -13.26
CA ARG E 99 -36.98 24.48 -12.23
C ARG E 99 -35.81 25.06 -11.45
N GLY E 100 -36.07 26.12 -10.69
CA GLY E 100 -34.98 26.83 -10.03
C GLY E 100 -35.04 26.81 -8.53
N PHE E 101 -35.85 25.92 -7.98
CA PHE E 101 -36.04 25.91 -6.53
C PHE E 101 -35.94 24.49 -6.01
N TYR E 102 -37.03 23.74 -6.10
CA TYR E 102 -36.87 22.31 -6.17
C TYR E 102 -36.60 21.91 -7.62
N PHE E 103 -36.20 20.66 -7.81
CA PHE E 103 -35.76 20.16 -9.11
C PHE E 103 -36.61 18.95 -9.49
N ASP E 104 -37.68 19.17 -10.26
CA ASP E 104 -38.62 18.09 -10.50
C ASP E 104 -38.15 17.09 -11.56
N TYR E 105 -37.10 17.41 -12.31
CA TYR E 105 -36.58 16.51 -13.33
C TYR E 105 -35.08 16.70 -13.47
N TRP E 106 -34.35 15.58 -13.52
CA TRP E 106 -32.90 15.57 -13.57
C TRP E 106 -32.43 14.82 -14.81
N GLY E 107 -31.27 15.20 -15.33
CA GLY E 107 -30.66 14.48 -16.41
C GLY E 107 -29.82 13.33 -15.91
N GLN E 108 -29.13 12.70 -16.86
CA GLN E 108 -28.28 11.55 -16.57
C GLN E 108 -26.92 11.94 -16.02
N GLY E 109 -26.45 13.15 -16.32
CA GLY E 109 -25.21 13.65 -15.75
C GLY E 109 -23.96 13.42 -16.56
N THR E 110 -23.11 14.43 -16.67
CA THR E 110 -21.79 14.30 -17.27
C THR E 110 -20.72 14.41 -16.21
N THR E 111 -19.65 13.64 -16.37
CA THR E 111 -18.57 13.60 -15.40
C THR E 111 -17.46 14.57 -15.78
N LEU E 112 -17.04 15.39 -14.82
CA LEU E 112 -15.92 16.30 -14.96
C LEU E 112 -14.81 15.88 -14.03
N THR E 113 -13.59 15.82 -14.52
CA THR E 113 -12.43 15.50 -13.69
C THR E 113 -11.43 16.65 -13.82
N VAL E 114 -11.02 17.20 -12.69
CA VAL E 114 -10.00 18.23 -12.65
C VAL E 114 -8.77 17.61 -12.01
N SER E 115 -7.77 17.32 -12.85
CA SER E 115 -6.60 16.57 -12.42
C SER E 115 -5.46 16.90 -13.37
N SER E 116 -4.24 16.60 -12.93
CA SER E 116 -3.08 16.72 -13.79
C SER E 116 -2.78 15.45 -14.57
N ALA E 117 -3.26 14.29 -14.12
CA ALA E 117 -3.02 13.01 -14.78
C ALA E 117 -3.45 13.03 -16.25
N SER E 118 -2.88 12.12 -17.05
CA SER E 118 -3.22 11.96 -18.45
C SER E 118 -4.24 10.84 -18.62
N THR E 119 -5.00 10.93 -19.72
CA THR E 119 -5.99 9.90 -20.05
C THR E 119 -5.30 8.58 -20.32
N LYS E 120 -5.85 7.50 -19.76
CA LYS E 120 -5.32 6.15 -19.94
C LYS E 120 -6.45 5.15 -20.11
N GLY E 121 -6.34 4.29 -21.13
CA GLY E 121 -7.34 3.28 -21.36
C GLY E 121 -7.12 2.05 -20.52
N PRO E 122 -8.13 1.20 -20.40
CA PRO E 122 -8.02 0.02 -19.54
C PRO E 122 -7.46 -1.21 -20.25
N SER E 123 -6.84 -2.07 -19.46
CA SER E 123 -6.55 -3.42 -19.89
C SER E 123 -7.71 -4.30 -19.47
N VAL E 124 -8.25 -5.08 -20.41
CA VAL E 124 -9.40 -5.94 -20.15
C VAL E 124 -8.95 -7.39 -20.16
N PHE E 125 -9.16 -8.08 -19.03
CA PHE E 125 -8.73 -9.46 -18.84
C PHE E 125 -9.91 -10.33 -18.47
N PRO E 126 -9.91 -11.60 -18.88
CA PRO E 126 -11.01 -12.50 -18.54
C PRO E 126 -10.84 -13.18 -17.19
N LEU E 127 -11.98 -13.49 -16.58
CA LEU E 127 -12.05 -14.32 -15.39
C LEU E 127 -12.65 -15.65 -15.85
N ALA E 128 -11.81 -16.65 -16.03
CA ALA E 128 -12.28 -17.88 -16.65
C ALA E 128 -13.00 -18.74 -15.62
N PRO E 129 -14.12 -19.37 -16.00
CA PRO E 129 -14.79 -20.39 -15.19
C PRO E 129 -13.88 -21.58 -14.87
N THR E 138 -24.86 -21.98 -12.12
CA THR E 138 -23.92 -22.78 -11.34
C THR E 138 -22.46 -22.56 -11.76
N ALA E 139 -22.22 -21.64 -12.72
CA ALA E 139 -20.86 -21.24 -13.08
C ALA E 139 -20.75 -19.72 -13.18
N ALA E 140 -19.60 -19.17 -12.77
CA ALA E 140 -19.36 -17.73 -12.77
C ALA E 140 -18.28 -17.37 -13.78
N LEU E 141 -18.56 -16.35 -14.60
CA LEU E 141 -17.60 -15.76 -15.53
C LEU E 141 -17.34 -14.32 -15.13
N GLY E 142 -16.33 -13.72 -15.76
CA GLY E 142 -16.02 -12.35 -15.39
C GLY E 142 -15.17 -11.62 -16.40
N CYS E 143 -14.92 -10.36 -16.09
CA CYS E 143 -14.01 -9.50 -16.84
C CYS E 143 -13.34 -8.56 -15.86
N LEU E 144 -12.01 -8.58 -15.84
CA LEU E 144 -11.21 -7.62 -15.09
C LEU E 144 -10.93 -6.41 -15.98
N VAL E 145 -11.04 -5.22 -15.41
CA VAL E 145 -10.80 -3.95 -16.12
C VAL E 145 -9.89 -3.13 -15.21
N LYS E 146 -8.59 -3.11 -15.51
CA LYS E 146 -7.62 -2.91 -14.43
C LYS E 146 -7.07 -1.49 -14.27
N ASP E 147 -6.76 -0.73 -15.32
CA ASP E 147 -5.95 0.47 -15.05
C ASP E 147 -6.33 1.61 -15.99
N TYR E 148 -7.35 2.37 -15.61
CA TYR E 148 -7.81 3.49 -16.43
C TYR E 148 -7.90 4.75 -15.58
N PHE E 149 -8.10 5.87 -16.27
CA PHE E 149 -8.30 7.20 -15.70
C PHE E 149 -8.83 8.09 -16.82
N PRO E 150 -9.92 8.84 -16.61
CA PRO E 150 -10.79 8.96 -15.43
C PRO E 150 -11.78 7.82 -15.27
N GLU E 151 -12.81 8.00 -14.43
CA GLU E 151 -13.66 6.96 -13.87
C GLU E 151 -14.67 6.32 -14.84
N PRO E 152 -15.36 7.09 -15.71
CA PRO E 152 -16.39 6.47 -16.55
C PRO E 152 -15.89 5.32 -17.43
N VAL E 153 -16.05 4.08 -16.95
CA VAL E 153 -16.11 2.91 -17.83
C VAL E 153 -17.49 2.30 -17.70
N THR E 154 -18.02 1.80 -18.81
CA THR E 154 -19.23 1.01 -18.80
C THR E 154 -18.91 -0.43 -19.21
N VAL E 155 -19.58 -1.37 -18.55
CA VAL E 155 -19.40 -2.79 -18.78
C VAL E 155 -20.76 -3.39 -19.07
N SER E 156 -20.90 -4.02 -20.23
CA SER E 156 -22.09 -4.78 -20.58
C SER E 156 -21.70 -6.20 -20.97
N TRP E 157 -22.69 -7.07 -21.11
CA TRP E 157 -22.44 -8.44 -21.53
C TRP E 157 -23.33 -8.76 -22.72
N ASN E 158 -22.74 -9.37 -23.74
CA ASN E 158 -23.41 -9.70 -24.99
C ASN E 158 -24.21 -8.52 -25.52
N SER E 159 -23.55 -7.37 -25.58
CA SER E 159 -24.17 -6.13 -26.07
C SER E 159 -25.37 -5.78 -25.20
N GLY E 160 -25.26 -6.08 -23.91
CA GLY E 160 -26.31 -5.75 -22.97
C GLY E 160 -27.55 -6.61 -23.03
N ALA E 161 -27.56 -7.68 -23.82
CA ALA E 161 -28.71 -8.57 -23.73
C ALA E 161 -28.64 -9.47 -22.51
N LEU E 162 -27.47 -9.65 -21.90
CA LEU E 162 -27.29 -10.47 -20.71
C LEU E 162 -27.32 -9.59 -19.46
N THR E 163 -28.42 -9.65 -18.72
CA THR E 163 -28.55 -8.85 -17.50
C THR E 163 -28.84 -9.67 -16.24
N SER E 164 -29.47 -10.84 -16.37
CA SER E 164 -29.68 -11.70 -15.21
C SER E 164 -28.34 -12.09 -14.60
N GLY E 165 -28.22 -11.90 -13.29
CA GLY E 165 -27.04 -12.38 -12.61
C GLY E 165 -25.77 -11.61 -12.86
N VAL E 166 -25.85 -10.47 -13.54
CA VAL E 166 -24.67 -9.65 -13.76
C VAL E 166 -24.45 -8.77 -12.53
N HIS E 167 -23.25 -8.84 -11.98
CA HIS E 167 -22.80 -7.92 -10.94
C HIS E 167 -21.57 -7.19 -11.49
N THR E 168 -21.73 -5.89 -11.76
CA THR E 168 -20.63 -5.01 -12.09
C THR E 168 -20.26 -4.26 -10.81
N PHE E 169 -19.10 -4.60 -10.25
CA PHE E 169 -18.69 -4.04 -8.96
C PHE E 169 -18.34 -2.56 -9.11
N PRO E 170 -18.21 -1.83 -8.02
CA PRO E 170 -17.84 -0.41 -8.13
C PRO E 170 -16.35 -0.23 -8.34
N ALA E 171 -16.01 0.75 -9.17
CA ALA E 171 -14.60 1.06 -9.43
C ALA E 171 -13.91 1.43 -8.13
N VAL E 172 -12.76 0.81 -7.87
CA VAL E 172 -11.99 1.05 -6.66
C VAL E 172 -10.67 1.73 -7.04
N LEU E 173 -10.32 2.79 -6.31
CA LEU E 173 -9.10 3.53 -6.60
C LEU E 173 -7.88 2.73 -6.18
N GLN E 174 -7.06 2.36 -7.17
CA GLN E 174 -5.82 1.68 -6.85
C GLN E 174 -4.83 2.68 -6.25
N SER E 175 -3.79 2.16 -5.62
CA SER E 175 -2.76 3.02 -5.04
C SER E 175 -2.11 3.91 -6.09
N SER E 176 -1.97 3.41 -7.32
CA SER E 176 -1.30 4.15 -8.39
C SER E 176 -2.09 5.35 -8.89
N GLY E 177 -3.26 5.65 -8.32
CA GLY E 177 -4.12 6.66 -8.88
C GLY E 177 -4.89 6.22 -10.11
N LEU E 178 -4.71 4.97 -10.53
CA LEU E 178 -5.50 4.36 -11.58
C LEU E 178 -6.68 3.61 -10.96
N TYR E 179 -7.72 3.41 -11.76
CA TYR E 179 -8.93 2.75 -11.30
C TYR E 179 -8.99 1.31 -11.79
N SER E 180 -9.53 0.43 -10.93
CA SER E 180 -9.71 -0.97 -11.25
C SER E 180 -11.16 -1.35 -10.97
N LEU E 181 -11.58 -2.47 -11.58
CA LEU E 181 -12.99 -2.81 -11.67
C LEU E 181 -13.14 -4.31 -11.88
N SER E 182 -14.29 -4.84 -11.46
CA SER E 182 -14.65 -6.24 -11.68
C SER E 182 -16.09 -6.33 -12.19
N SER E 183 -16.37 -7.34 -13.00
CA SER E 183 -17.75 -7.59 -13.44
C SER E 183 -17.93 -9.08 -13.65
N VAL E 184 -18.91 -9.67 -12.97
CA VAL E 184 -19.14 -11.11 -13.01
C VAL E 184 -20.57 -11.40 -13.48
N VAL E 185 -20.82 -12.68 -13.78
CA VAL E 185 -22.16 -13.12 -14.18
C VAL E 185 -22.26 -14.63 -13.95
N THR E 186 -23.43 -15.08 -13.50
CA THR E 186 -23.69 -16.49 -13.26
C THR E 186 -24.56 -17.05 -14.39
N VAL E 187 -24.13 -18.17 -14.94
CA VAL E 187 -24.85 -18.84 -16.04
C VAL E 187 -24.89 -20.33 -15.76
N PRO E 188 -25.81 -21.05 -16.40
CA PRO E 188 -25.78 -22.51 -16.28
C PRO E 188 -24.44 -23.03 -16.80
N SER E 189 -23.82 -23.93 -16.06
CA SER E 189 -22.53 -24.44 -16.52
C SER E 189 -22.68 -25.21 -17.82
N SER E 190 -23.84 -25.84 -18.05
CA SER E 190 -24.06 -26.52 -19.32
C SER E 190 -24.05 -25.58 -20.51
N SER E 191 -24.05 -24.26 -20.28
CA SER E 191 -24.00 -23.31 -21.38
C SER E 191 -22.58 -22.97 -21.80
N LEU E 192 -21.59 -23.30 -20.97
CA LEU E 192 -20.21 -23.06 -21.37
C LEU E 192 -19.84 -23.98 -22.52
N GLY E 193 -19.22 -23.42 -23.55
CA GLY E 193 -18.95 -24.21 -24.73
C GLY E 193 -20.13 -24.42 -25.67
N THR E 194 -21.31 -23.92 -25.33
CA THR E 194 -22.36 -23.68 -26.33
C THR E 194 -22.55 -22.20 -26.59
N GLN E 195 -22.83 -21.41 -25.55
CA GLN E 195 -23.00 -19.98 -25.67
C GLN E 195 -21.65 -19.27 -25.67
N THR E 196 -21.58 -18.16 -26.41
CA THR E 196 -20.43 -17.26 -26.38
C THR E 196 -20.76 -16.06 -25.49
N TYR E 197 -19.85 -15.75 -24.57
CA TYR E 197 -20.04 -14.69 -23.59
C TYR E 197 -19.05 -13.57 -23.87
N ILE E 198 -19.57 -12.41 -24.26
CA ILE E 198 -18.75 -11.26 -24.60
C ILE E 198 -18.99 -10.20 -23.56
N CYS E 199 -17.94 -9.77 -22.87
CA CYS E 199 -18.03 -8.56 -22.05
C CYS E 199 -17.59 -7.38 -22.91
N ASN E 200 -18.46 -6.38 -23.01
CA ASN E 200 -18.22 -5.18 -23.80
C ASN E 200 -17.83 -4.04 -22.85
N VAL E 201 -16.58 -3.61 -22.92
CA VAL E 201 -16.07 -2.54 -22.07
C VAL E 201 -15.90 -1.28 -22.93
N ASN E 202 -16.46 -0.17 -22.48
CA ASN E 202 -16.32 1.12 -23.15
C ASN E 202 -15.71 2.13 -22.20
N HIS E 203 -14.73 2.87 -22.69
CA HIS E 203 -14.05 3.93 -21.93
C HIS E 203 -13.86 5.05 -22.92
N LYS E 204 -14.86 5.89 -23.08
CA LYS E 204 -14.77 6.85 -24.18
C LYS E 204 -13.82 8.01 -23.93
N PRO E 205 -13.39 8.40 -22.71
CA PRO E 205 -12.39 9.45 -22.55
C PRO E 205 -11.07 9.01 -23.16
N SER E 206 -10.74 7.73 -23.09
CA SER E 206 -9.54 7.23 -23.78
C SER E 206 -9.95 6.64 -25.13
N ASN E 207 -11.20 6.77 -25.51
CA ASN E 207 -11.73 6.20 -26.77
C ASN E 207 -11.32 4.73 -26.95
N THR E 208 -11.57 3.89 -25.96
CA THR E 208 -11.31 2.46 -25.94
C THR E 208 -12.63 1.69 -25.97
N LYS E 209 -12.68 0.63 -26.79
CA LYS E 209 -13.92 -0.09 -27.03
C LYS E 209 -13.57 -1.56 -27.24
N VAL E 210 -13.62 -2.34 -26.16
CA VAL E 210 -13.08 -3.69 -26.12
C VAL E 210 -14.24 -4.68 -25.96
N ASP E 211 -14.24 -5.73 -26.76
CA ASP E 211 -15.25 -6.79 -26.70
C ASP E 211 -14.55 -8.14 -26.46
N LYS E 212 -14.24 -8.44 -25.21
CA LYS E 212 -13.45 -9.60 -24.86
C LYS E 212 -14.35 -10.83 -24.69
N LYS E 213 -14.01 -11.90 -25.40
CA LYS E 213 -14.67 -13.18 -25.19
C LYS E 213 -14.10 -13.84 -23.93
N VAL E 214 -14.99 -14.38 -23.11
CA VAL E 214 -14.62 -15.03 -21.85
C VAL E 214 -15.00 -16.51 -21.95
N GLU E 215 -13.99 -17.37 -22.05
CA GLU E 215 -14.22 -18.80 -22.24
C GLU E 215 -13.29 -19.60 -21.34
N PRO E 216 -13.58 -20.91 -21.13
CA PRO E 216 -12.73 -21.67 -20.22
C PRO E 216 -11.48 -22.29 -20.86
N GLU F 1 -26.94 32.02 5.47
CA GLU F 1 -26.98 30.80 4.69
C GLU F 1 -27.65 29.64 5.45
N THR F 2 -28.82 29.21 4.94
CA THR F 2 -29.59 28.14 5.57
C THR F 2 -29.01 26.78 5.20
N THR F 3 -28.69 25.98 6.23
CA THR F 3 -28.31 24.60 6.01
C THR F 3 -29.42 23.67 6.45
N VAL F 4 -29.41 22.45 5.92
CA VAL F 4 -30.27 21.38 6.37
C VAL F 4 -29.39 20.18 6.71
N THR F 5 -29.61 19.58 7.89
CA THR F 5 -28.83 18.44 8.34
C THR F 5 -29.71 17.21 8.52
N GLN F 6 -29.21 16.07 8.06
CA GLN F 6 -29.85 14.77 8.25
C GLN F 6 -28.96 13.97 9.20
N SER F 7 -29.44 13.75 10.42
CA SER F 7 -28.62 13.09 11.42
C SER F 7 -28.44 11.61 11.11
N GLN F 8 -29.49 10.96 10.60
CA GLN F 8 -29.45 9.53 10.33
C GLN F 8 -28.57 9.25 9.13
N LYS F 9 -27.43 8.61 9.35
CA LYS F 9 -26.57 8.24 8.23
C LYS F 9 -27.07 6.96 7.55
N PHE F 10 -27.34 5.93 8.35
CA PHE F 10 -27.90 4.66 7.88
C PHE F 10 -29.16 4.33 8.68
N MET F 11 -30.14 3.75 8.01
CA MET F 11 -31.35 3.30 8.69
C MET F 11 -31.73 1.93 8.13
N SER F 12 -31.99 0.98 9.02
CA SER F 12 -32.32 -0.39 8.63
C SER F 12 -33.80 -0.66 8.83
N THR F 13 -34.38 -1.39 7.89
CA THR F 13 -35.81 -1.68 7.96
C THR F 13 -36.13 -2.93 7.15
N SER F 14 -37.13 -3.66 7.61
CA SER F 14 -37.61 -4.85 6.92
C SER F 14 -38.71 -4.47 5.93
N VAL F 15 -38.86 -5.30 4.90
CA VAL F 15 -39.97 -5.14 3.99
C VAL F 15 -41.27 -5.19 4.78
N GLY F 16 -42.16 -4.23 4.53
CA GLY F 16 -43.35 -4.11 5.34
C GLY F 16 -43.29 -3.01 6.38
N ASP F 17 -42.16 -2.85 7.08
CA ASP F 17 -42.07 -1.86 8.14
C ASP F 17 -42.10 -0.46 7.56
N ARG F 18 -42.06 0.51 8.45
CA ARG F 18 -41.99 1.90 8.06
C ARG F 18 -40.68 2.49 8.56
N VAL F 19 -40.22 3.54 7.90
CA VAL F 19 -39.04 4.30 8.30
C VAL F 19 -39.39 5.78 8.20
N SER F 20 -38.74 6.59 9.02
CA SER F 20 -38.96 8.04 8.98
C SER F 20 -37.60 8.73 8.94
N VAL F 21 -37.32 9.42 7.83
CA VAL F 21 -36.06 10.14 7.63
C VAL F 21 -36.26 11.56 8.13
N THR F 22 -35.29 12.07 8.89
CA THR F 22 -35.43 13.35 9.57
C THR F 22 -34.45 14.38 9.02
N CYS F 23 -34.92 15.63 8.93
CA CYS F 23 -34.17 16.75 8.38
C CYS F 23 -34.39 17.96 9.28
N LYS F 24 -33.33 18.69 9.61
CA LYS F 24 -33.44 19.88 10.46
C LYS F 24 -32.77 21.07 9.78
N ALA F 25 -33.56 22.10 9.47
CA ALA F 25 -33.05 23.33 8.88
C ALA F 25 -32.52 24.27 9.97
N SER F 26 -31.50 25.05 9.61
CA SER F 26 -30.87 25.97 10.55
C SER F 26 -31.70 27.24 10.78
N GLN F 27 -32.69 27.51 9.95
CA GLN F 27 -33.56 28.68 10.11
C GLN F 27 -34.97 28.29 9.72
N ASN F 28 -35.91 29.18 10.00
CA ASN F 28 -37.30 28.95 9.63
C ASN F 28 -37.45 28.97 8.11
N VAL F 29 -37.81 27.84 7.51
CA VAL F 29 -37.93 27.79 6.06
C VAL F 29 -39.36 27.49 5.63
N GLY F 30 -40.34 27.80 6.49
CA GLY F 30 -41.74 27.49 6.23
C GLY F 30 -41.94 26.05 5.80
N THR F 31 -42.54 25.85 4.61
CA THR F 31 -42.70 24.53 4.02
C THR F 31 -41.89 24.39 2.73
N ASN F 32 -40.91 25.26 2.52
CA ASN F 32 -40.10 25.29 1.27
C ASN F 32 -38.98 24.25 1.32
N VAL F 33 -39.39 22.99 1.41
CA VAL F 33 -38.50 21.86 1.58
C VAL F 33 -38.87 20.81 0.53
N ALA F 34 -37.88 20.06 0.05
CA ALA F 34 -38.13 19.02 -0.93
C ALA F 34 -37.31 17.79 -0.55
N TRP F 35 -37.77 16.62 -1.05
CA TRP F 35 -37.10 15.35 -0.84
C TRP F 35 -36.80 14.67 -2.17
N TYR F 36 -35.65 14.02 -2.24
CA TYR F 36 -35.25 13.27 -3.41
C TYR F 36 -34.88 11.85 -3.01
N GLN F 37 -34.95 10.94 -3.97
CA GLN F 37 -34.53 9.55 -3.78
C GLN F 37 -33.53 9.21 -4.87
N GLN F 38 -32.36 8.73 -4.47
CA GLN F 38 -31.33 8.31 -5.43
C GLN F 38 -31.01 6.84 -5.21
N LYS F 39 -31.40 6.00 -6.18
CA LYS F 39 -31.05 4.60 -6.16
C LYS F 39 -29.60 4.43 -6.62
N PRO F 40 -29.01 3.25 -6.37
CA PRO F 40 -27.62 3.02 -6.80
C PRO F 40 -27.46 3.10 -8.31
N GLY F 41 -26.37 3.76 -8.72
CA GLY F 41 -26.08 3.93 -10.13
C GLY F 41 -27.10 4.76 -10.90
N GLN F 42 -28.02 5.43 -10.23
CA GLN F 42 -28.97 6.28 -10.92
C GLN F 42 -28.79 7.73 -10.50
N SER F 43 -29.54 8.54 -11.12
CA SER F 43 -29.69 9.95 -10.86
C SER F 43 -30.79 10.19 -9.82
N PRO F 44 -30.70 11.25 -9.03
CA PRO F 44 -31.76 11.54 -8.06
C PRO F 44 -33.11 11.71 -8.74
N LYS F 45 -34.16 11.27 -8.06
CA LYS F 45 -35.53 11.41 -8.50
C LYS F 45 -36.31 12.25 -7.49
N ALA F 46 -37.20 13.09 -8.00
CA ALA F 46 -38.01 13.95 -7.15
C ALA F 46 -39.13 13.13 -6.51
N LEU F 47 -39.37 13.35 -5.21
CA LEU F 47 -40.42 12.68 -4.46
C LEU F 47 -41.46 13.62 -3.91
N ILE F 48 -41.02 14.65 -3.18
CA ILE F 48 -41.87 15.54 -2.40
C ILE F 48 -41.41 16.97 -2.69
N TYR F 49 -42.36 17.83 -2.96
CA TYR F 49 -42.13 19.28 -3.00
C TYR F 49 -43.00 19.96 -1.95
N SER F 50 -42.63 21.17 -1.54
CA SER F 50 -43.43 22.00 -0.63
C SER F 50 -43.80 21.25 0.66
N ALA F 51 -42.86 20.52 1.23
CA ALA F 51 -42.88 19.76 2.50
C ALA F 51 -43.70 18.47 2.51
N SER F 52 -44.85 18.44 1.87
CA SER F 52 -45.77 17.29 1.94
C SER F 52 -46.45 16.97 0.60
N TYR F 53 -46.16 17.70 -0.46
CA TYR F 53 -46.82 17.49 -1.76
C TYR F 53 -46.14 16.41 -2.61
N ARG F 54 -46.93 15.49 -3.11
CA ARG F 54 -46.38 14.40 -3.92
C ARG F 54 -46.64 14.65 -5.39
N TYR F 55 -45.61 14.46 -6.20
CA TYR F 55 -45.79 14.40 -7.65
C TYR F 55 -46.67 13.22 -8.00
N SER F 56 -47.53 13.41 -9.00
CA SER F 56 -48.23 12.28 -9.57
C SER F 56 -47.22 11.27 -10.10
N GLY F 57 -47.48 10.00 -9.84
CA GLY F 57 -46.53 8.96 -10.15
C GLY F 57 -45.68 8.55 -8.97
N VAL F 58 -45.61 9.39 -7.94
CA VAL F 58 -44.95 8.97 -6.70
C VAL F 58 -45.96 8.20 -5.85
N PRO F 59 -45.61 6.99 -5.40
CA PRO F 59 -46.56 6.17 -4.65
C PRO F 59 -46.96 6.81 -3.33
N ASP F 60 -48.17 6.48 -2.88
CA ASP F 60 -48.68 7.03 -1.63
C ASP F 60 -47.85 6.65 -0.41
N ARG F 61 -47.07 5.57 -0.47
CA ARG F 61 -46.34 5.15 0.72
C ARG F 61 -45.23 6.12 1.13
N PHE F 62 -44.87 7.06 0.26
CA PHE F 62 -43.93 8.13 0.60
C PHE F 62 -44.72 9.35 1.09
N THR F 63 -44.51 9.71 2.35
CA THR F 63 -45.23 10.82 2.96
C THR F 63 -44.23 11.81 3.51
N GLY F 64 -44.36 13.07 3.11
CA GLY F 64 -43.55 14.14 3.65
C GLY F 64 -44.32 14.93 4.70
N SER F 65 -43.61 15.37 5.75
CA SER F 65 -44.26 16.15 6.78
C SER F 65 -43.34 17.23 7.32
N GLY F 66 -43.95 18.20 7.99
CA GLY F 66 -43.22 19.18 8.78
C GLY F 66 -43.42 20.59 8.29
N SER F 67 -43.00 21.53 9.13
CA SER F 67 -42.94 22.93 8.75
C SER F 67 -42.03 23.65 9.72
N GLY F 68 -41.47 24.76 9.26
CA GLY F 68 -40.57 25.56 10.07
C GLY F 68 -39.13 25.08 10.07
N THR F 69 -38.84 24.10 10.91
CA THR F 69 -37.45 23.70 11.11
C THR F 69 -37.29 22.18 11.10
N ASP F 70 -38.35 21.45 11.41
CA ASP F 70 -38.28 20.00 11.52
C ASP F 70 -39.12 19.38 10.41
N PHE F 71 -38.51 18.50 9.63
CA PHE F 71 -39.17 17.91 8.49
C PHE F 71 -38.97 16.41 8.52
N THR F 72 -39.95 15.70 7.97
CA THR F 72 -39.96 14.25 8.04
C THR F 72 -40.36 13.68 6.69
N LEU F 73 -39.62 12.69 6.23
CA LEU F 73 -40.07 11.86 5.13
C LEU F 73 -40.34 10.48 5.70
N THR F 74 -41.56 10.01 5.55
CA THR F 74 -41.96 8.71 6.08
C THR F 74 -42.23 7.78 4.91
N ILE F 75 -41.53 6.66 4.89
CA ILE F 75 -41.80 5.59 3.95
C ILE F 75 -42.53 4.52 4.73
N SER F 76 -43.79 4.30 4.43
CA SER F 76 -44.50 3.18 5.03
C SER F 76 -44.53 2.03 4.05
N ASN F 77 -44.77 0.83 4.58
CA ASN F 77 -44.81 -0.39 3.77
C ASN F 77 -43.59 -0.45 2.84
N VAL F 78 -42.41 -0.45 3.47
CA VAL F 78 -41.17 -0.35 2.72
C VAL F 78 -41.04 -1.52 1.75
N GLN F 79 -40.59 -1.20 0.53
CA GLN F 79 -40.43 -2.19 -0.53
C GLN F 79 -38.96 -2.47 -0.77
N SER F 80 -38.67 -3.73 -1.14
CA SER F 80 -37.32 -4.11 -1.54
C SER F 80 -36.72 -3.11 -2.51
N GLU F 81 -37.52 -2.56 -3.42
CA GLU F 81 -36.99 -1.62 -4.41
C GLU F 81 -36.65 -0.27 -3.79
N ASP F 82 -37.01 -0.02 -2.53
CA ASP F 82 -36.87 1.30 -1.94
C ASP F 82 -35.47 1.55 -1.41
N LEU F 83 -34.59 0.55 -1.41
CA LEU F 83 -33.21 0.79 -1.05
C LEU F 83 -32.66 1.96 -1.86
N ALA F 84 -32.14 2.96 -1.17
CA ALA F 84 -31.68 4.20 -1.81
C ALA F 84 -31.13 5.15 -0.75
N GLU F 85 -30.51 6.22 -1.23
CA GLU F 85 -30.24 7.35 -0.36
C GLU F 85 -31.32 8.39 -0.57
N TYR F 86 -31.74 9.03 0.52
CA TYR F 86 -32.80 10.01 0.52
C TYR F 86 -32.24 11.34 1.00
N PHE F 87 -32.49 12.40 0.24
CA PHE F 87 -31.97 13.73 0.52
C PHE F 87 -33.12 14.69 0.77
N CYS F 88 -32.96 15.56 1.76
CA CYS F 88 -33.85 16.71 1.89
C CYS F 88 -33.14 17.95 1.37
N GLN F 89 -33.92 18.95 1.01
CA GLN F 89 -33.38 20.16 0.42
C GLN F 89 -34.32 21.30 0.77
N GLN F 90 -33.76 22.42 1.22
CA GLN F 90 -34.52 23.66 1.36
C GLN F 90 -34.28 24.54 0.15
N TYR F 91 -35.35 25.17 -0.31
CA TYR F 91 -35.29 26.22 -1.33
C TYR F 91 -35.93 27.51 -0.82
N ASN F 92 -35.86 27.76 0.47
CA ASN F 92 -36.50 28.98 0.97
C ASN F 92 -35.67 30.21 0.62
N SER F 93 -34.34 30.08 0.66
CA SER F 93 -33.38 31.14 0.38
C SER F 93 -32.39 30.61 -0.64
N TYR F 94 -31.68 31.51 -1.35
CA TYR F 94 -31.10 31.02 -2.59
C TYR F 94 -29.80 30.20 -2.51
N PRO F 95 -28.92 30.36 -1.52
CA PRO F 95 -27.97 29.26 -1.32
C PRO F 95 -28.81 28.00 -1.10
N LEU F 96 -29.22 27.35 -2.19
CA LEU F 96 -30.05 26.14 -2.09
C LEU F 96 -29.20 25.02 -1.52
N THR F 97 -29.57 24.51 -0.36
CA THR F 97 -28.75 23.53 0.32
C THR F 97 -29.49 22.21 0.40
N PHE F 98 -28.69 21.15 0.41
CA PHE F 98 -29.14 19.77 0.55
C PHE F 98 -28.61 19.21 1.86
N GLY F 99 -29.34 18.25 2.42
CA GLY F 99 -28.76 17.40 3.45
C GLY F 99 -27.78 16.39 2.86
N GLN F 100 -27.03 15.76 3.76
CA GLN F 100 -25.94 14.85 3.40
C GLN F 100 -26.43 13.47 2.94
N GLY F 101 -27.73 13.19 3.00
CA GLY F 101 -28.27 11.93 2.55
C GLY F 101 -28.40 10.90 3.65
N THR F 102 -29.47 10.11 3.60
CA THR F 102 -29.67 8.98 4.51
C THR F 102 -29.85 7.71 3.69
N LYS F 103 -29.02 6.70 3.97
CA LYS F 103 -29.07 5.43 3.25
C LYS F 103 -30.03 4.47 3.96
N VAL F 104 -31.11 4.09 3.28
CA VAL F 104 -32.07 3.13 3.80
C VAL F 104 -31.64 1.73 3.38
N GLU F 105 -31.17 0.93 4.33
CA GLU F 105 -30.80 -0.45 4.07
C GLU F 105 -31.95 -1.36 4.47
N ILE F 106 -31.93 -2.58 3.94
CA ILE F 106 -33.05 -3.50 4.07
C ILE F 106 -32.59 -4.76 4.80
N LYS F 107 -33.32 -5.13 5.85
CA LYS F 107 -33.09 -6.35 6.61
C LYS F 107 -33.75 -7.53 5.90
N ARG F 108 -33.08 -8.67 5.90
CA ARG F 108 -33.48 -9.82 5.11
C ARG F 108 -33.20 -11.08 5.93
N THR F 109 -33.50 -12.25 5.38
CA THR F 109 -33.03 -13.49 5.98
C THR F 109 -31.57 -13.73 5.60
N VAL F 110 -30.90 -14.57 6.41
CA VAL F 110 -29.51 -14.89 6.17
C VAL F 110 -29.38 -15.70 4.89
N ALA F 111 -28.38 -15.39 4.08
CA ALA F 111 -28.10 -16.11 2.85
C ALA F 111 -26.61 -16.41 2.78
N ALA F 112 -26.27 -17.69 2.69
CA ALA F 112 -24.87 -18.05 2.55
C ALA F 112 -24.40 -17.72 1.15
N PRO F 113 -23.18 -17.20 0.99
CA PRO F 113 -22.68 -16.88 -0.35
C PRO F 113 -22.19 -18.11 -1.09
N SER F 114 -22.33 -18.04 -2.41
CA SER F 114 -21.61 -18.94 -3.29
C SER F 114 -20.23 -18.38 -3.54
N VAL F 115 -19.22 -19.25 -3.55
CA VAL F 115 -17.83 -18.82 -3.59
C VAL F 115 -17.19 -19.34 -4.87
N PHE F 116 -16.43 -18.46 -5.53
CA PHE F 116 -15.69 -18.80 -6.73
C PHE F 116 -14.32 -18.14 -6.65
N ILE F 117 -13.30 -18.84 -7.12
CA ILE F 117 -11.95 -18.31 -7.21
C ILE F 117 -11.58 -18.22 -8.68
N PHE F 118 -10.78 -17.21 -9.03
CA PHE F 118 -10.43 -16.93 -10.42
C PHE F 118 -8.92 -16.84 -10.58
N PRO F 119 -8.33 -17.63 -11.47
CA PRO F 119 -6.89 -17.55 -11.69
C PRO F 119 -6.55 -16.40 -12.62
N PRO F 120 -5.37 -15.78 -12.47
CA PRO F 120 -5.00 -14.69 -13.37
C PRO F 120 -4.85 -15.19 -14.80
N SER F 121 -5.39 -14.41 -15.73
CA SER F 121 -5.27 -14.75 -17.13
C SER F 121 -3.80 -14.68 -17.57
N ASP F 122 -3.46 -15.47 -18.57
CA ASP F 122 -2.07 -15.52 -19.00
C ASP F 122 -1.68 -14.32 -19.85
N SER F 123 -2.63 -13.75 -20.61
CA SER F 123 -2.35 -12.52 -21.33
C SER F 123 -2.10 -11.34 -20.40
N GLN F 124 -2.53 -11.45 -19.13
CA GLN F 124 -2.13 -10.51 -18.09
C GLN F 124 -0.73 -10.83 -17.58
N LEU F 125 -0.37 -12.11 -17.50
CA LEU F 125 1.02 -12.48 -17.21
C LEU F 125 1.96 -12.04 -18.32
N LYS F 126 1.46 -11.83 -19.54
CA LYS F 126 2.26 -11.23 -20.59
C LYS F 126 2.95 -9.96 -20.11
N SER F 127 2.31 -9.20 -19.23
CA SER F 127 2.80 -7.91 -18.80
C SER F 127 3.42 -7.90 -17.41
N GLY F 128 3.31 -8.98 -16.66
CA GLY F 128 4.08 -9.12 -15.44
C GLY F 128 3.37 -8.87 -14.12
N THR F 129 2.03 -8.88 -14.09
CA THR F 129 1.27 -8.84 -12.84
C THR F 129 0.19 -9.91 -12.89
N ALA F 130 -0.07 -10.54 -11.73
CA ALA F 130 -1.07 -11.59 -11.61
C ALA F 130 -2.09 -11.18 -10.56
N SER F 131 -3.34 -10.98 -10.98
CA SER F 131 -4.43 -10.61 -10.08
C SER F 131 -5.27 -11.85 -9.79
N VAL F 132 -5.38 -12.22 -8.52
CA VAL F 132 -6.15 -13.38 -8.08
C VAL F 132 -7.48 -12.88 -7.55
N VAL F 133 -8.57 -13.24 -8.22
CA VAL F 133 -9.88 -12.72 -7.90
C VAL F 133 -10.67 -13.79 -7.16
N CYS F 134 -11.33 -13.39 -6.09
CA CYS F 134 -12.25 -14.25 -5.35
C CYS F 134 -13.60 -13.55 -5.31
N LEU F 135 -14.67 -14.32 -5.54
CA LEU F 135 -16.02 -13.77 -5.63
C LEU F 135 -16.93 -14.42 -4.60
N LEU F 136 -17.72 -13.59 -3.92
CA LEU F 136 -18.76 -14.03 -3.00
C LEU F 136 -20.10 -13.54 -3.54
N ASN F 137 -21.01 -14.45 -3.83
CA ASN F 137 -22.21 -14.08 -4.57
C ASN F 137 -23.46 -14.23 -3.71
N ASN F 138 -24.26 -13.16 -3.68
CA ASN F 138 -25.63 -13.15 -3.17
C ASN F 138 -25.71 -13.70 -1.74
N PHE F 139 -25.01 -13.04 -0.83
CA PHE F 139 -25.10 -13.34 0.59
C PHE F 139 -25.81 -12.19 1.29
N TYR F 140 -26.49 -12.46 2.41
CA TYR F 140 -27.17 -11.29 2.94
C TYR F 140 -26.37 -10.57 4.01
N PRO F 141 -26.12 -11.15 5.21
CA PRO F 141 -25.43 -10.34 6.23
C PRO F 141 -24.08 -9.86 5.69
N ARG F 142 -23.97 -8.53 5.51
CA ARG F 142 -22.89 -7.94 4.73
C ARG F 142 -21.51 -8.25 5.31
N GLU F 143 -21.42 -8.48 6.62
CA GLU F 143 -20.15 -8.80 7.25
C GLU F 143 -19.59 -10.11 6.71
N ALA F 144 -18.33 -10.08 6.27
CA ALA F 144 -17.69 -11.28 5.76
C ALA F 144 -16.18 -11.16 5.92
N LYS F 145 -15.52 -12.31 6.01
CA LYS F 145 -14.07 -12.38 6.13
C LYS F 145 -13.55 -13.31 5.05
N VAL F 146 -12.64 -12.80 4.22
CA VAL F 146 -12.03 -13.55 3.13
C VAL F 146 -10.53 -13.29 3.19
N GLN F 147 -9.75 -14.29 3.60
CA GLN F 147 -8.30 -14.17 3.70
C GLN F 147 -7.66 -14.55 2.37
N TRP F 148 -6.75 -13.68 1.89
CA TRP F 148 -6.11 -13.71 0.56
C TRP F 148 -6.98 -12.99 -0.48
N LEU F 154 -1.15 -17.13 4.02
CA LEU F 154 -1.35 -16.26 5.16
C LEU F 154 -1.13 -14.79 4.81
N GLN F 155 -1.59 -14.39 3.62
CA GLN F 155 -1.22 -13.09 3.07
C GLN F 155 -1.89 -11.95 3.84
N SER F 156 -1.44 -10.73 3.53
CA SER F 156 -2.00 -9.50 4.08
C SER F 156 -1.37 -8.30 3.39
N GLY F 157 -2.16 -7.26 3.19
CA GLY F 157 -1.68 -6.01 2.66
C GLY F 157 -1.51 -5.95 1.15
N ASN F 158 -1.96 -6.97 0.41
CA ASN F 158 -1.81 -6.99 -1.03
C ASN F 158 -3.10 -7.32 -1.78
N SER F 159 -4.22 -7.50 -1.07
CA SER F 159 -5.50 -7.82 -1.67
C SER F 159 -6.50 -6.67 -1.48
N GLN F 160 -7.50 -6.64 -2.37
CA GLN F 160 -8.47 -5.56 -2.45
C GLN F 160 -9.89 -6.12 -2.50
N GLU F 161 -10.81 -5.53 -1.73
CA GLU F 161 -12.20 -5.95 -1.68
C GLU F 161 -13.13 -4.86 -2.20
N SER F 162 -14.20 -5.28 -2.87
CA SER F 162 -15.21 -4.38 -3.44
C SER F 162 -16.59 -5.01 -3.27
N VAL F 163 -17.59 -4.18 -2.99
CA VAL F 163 -18.93 -4.68 -2.67
C VAL F 163 -19.97 -3.99 -3.54
N THR F 164 -20.91 -4.77 -4.07
CA THR F 164 -22.02 -4.21 -4.81
C THR F 164 -22.99 -3.52 -3.86
N GLU F 165 -23.88 -2.72 -4.43
CA GLU F 165 -25.02 -2.22 -3.69
C GLU F 165 -26.05 -3.33 -3.54
N GLN F 166 -26.75 -3.33 -2.40
CA GLN F 166 -27.74 -4.35 -2.10
C GLN F 166 -28.73 -4.52 -3.24
N ASP F 167 -28.89 -5.76 -3.71
CA ASP F 167 -29.71 -6.02 -4.89
C ASP F 167 -31.17 -5.69 -4.60
N SER F 168 -31.87 -5.16 -5.60
CA SER F 168 -33.16 -4.54 -5.35
C SER F 168 -34.33 -5.51 -5.33
N LYS F 169 -34.19 -6.72 -5.90
CA LYS F 169 -35.27 -7.71 -5.79
C LYS F 169 -35.10 -8.60 -4.55
N ASP F 170 -33.94 -9.23 -4.41
CA ASP F 170 -33.57 -9.93 -3.19
C ASP F 170 -32.42 -9.16 -2.57
N SER F 171 -32.56 -8.79 -1.31
CA SER F 171 -31.74 -7.75 -0.72
C SER F 171 -30.36 -8.29 -0.31
N THR F 172 -29.66 -8.85 -1.28
CA THR F 172 -28.40 -9.50 -1.02
C THR F 172 -27.23 -8.68 -1.56
N TYR F 173 -26.05 -8.98 -1.04
CA TYR F 173 -24.80 -8.36 -1.44
C TYR F 173 -23.95 -9.35 -2.22
N SER F 174 -23.06 -8.80 -3.04
CA SER F 174 -21.98 -9.56 -3.68
C SER F 174 -20.64 -8.87 -3.39
N LEU F 175 -19.59 -9.68 -3.21
CA LEU F 175 -18.26 -9.19 -2.86
C LEU F 175 -17.21 -9.81 -3.77
N SER F 176 -16.19 -9.03 -4.09
CA SER F 176 -15.05 -9.50 -4.88
C SER F 176 -13.75 -9.05 -4.21
N SER F 177 -12.95 -10.02 -3.76
CA SER F 177 -11.64 -9.76 -3.16
C SER F 177 -10.56 -10.09 -4.18
N THR F 178 -9.75 -9.09 -4.53
CA THR F 178 -8.72 -9.22 -5.57
C THR F 178 -7.35 -9.12 -4.93
N LEU F 179 -6.56 -10.17 -5.05
CA LEU F 179 -5.18 -10.19 -4.57
C LEU F 179 -4.23 -9.93 -5.74
N THR F 180 -3.49 -8.82 -5.66
CA THR F 180 -2.57 -8.39 -6.72
C THR F 180 -1.12 -8.54 -6.29
N LEU F 181 -0.29 -9.07 -7.19
CA LEU F 181 1.13 -9.25 -6.94
C LEU F 181 1.84 -9.50 -8.27
N SER F 182 3.14 -9.18 -8.29
CA SER F 182 3.93 -9.26 -9.50
C SER F 182 4.06 -10.71 -9.99
N LYS F 183 4.39 -10.86 -11.28
CA LYS F 183 4.47 -12.19 -11.87
C LYS F 183 5.54 -13.04 -11.21
N ALA F 184 6.65 -12.41 -10.78
CA ALA F 184 7.77 -13.14 -10.22
C ALA F 184 7.32 -14.08 -9.10
N ASP F 185 6.54 -13.57 -8.15
CA ASP F 185 6.03 -14.42 -7.08
C ASP F 185 5.10 -15.49 -7.62
N TYR F 186 4.27 -15.14 -8.59
CA TYR F 186 3.33 -16.09 -9.16
C TYR F 186 4.06 -17.13 -10.01
N VAL F 191 0.35 -22.78 -4.73
CA VAL F 191 -1.09 -22.92 -4.50
C VAL F 191 -1.66 -21.67 -3.81
N TYR F 192 -2.84 -21.23 -4.26
CA TYR F 192 -3.48 -20.03 -3.76
C TYR F 192 -4.93 -20.35 -3.39
N ALA F 193 -5.34 -19.93 -2.19
CA ALA F 193 -6.64 -20.29 -1.65
C ALA F 193 -7.36 -19.08 -1.08
N CYS F 194 -8.69 -19.18 -1.04
CA CYS F 194 -9.56 -18.09 -0.58
C CYS F 194 -10.48 -18.67 0.49
N GLU F 195 -10.18 -18.39 1.76
CA GLU F 195 -10.94 -18.92 2.88
C GLU F 195 -11.96 -17.89 3.34
N VAL F 196 -13.22 -18.13 3.03
CA VAL F 196 -14.31 -17.21 3.35
C VAL F 196 -15.02 -17.71 4.60
N THR F 197 -15.26 -16.81 5.54
CA THR F 197 -16.08 -17.11 6.71
C THR F 197 -17.28 -16.18 6.72
N HIS F 198 -18.46 -16.76 6.96
CA HIS F 198 -19.70 -16.01 6.92
C HIS F 198 -20.68 -16.66 7.89
N GLN F 199 -21.74 -15.91 8.20
CA GLN F 199 -22.70 -16.33 9.21
C GLN F 199 -23.59 -17.48 8.70
N GLY F 200 -23.86 -17.50 7.39
CA GLY F 200 -24.61 -18.58 6.76
C GLY F 200 -23.83 -19.85 6.51
N LEU F 201 -22.54 -19.83 6.82
CA LEU F 201 -21.67 -21.00 6.73
C LEU F 201 -21.34 -21.47 8.13
N SER F 202 -21.71 -22.70 8.45
CA SER F 202 -21.38 -23.26 9.76
C SER F 202 -19.88 -23.46 9.94
N SER F 203 -19.13 -23.57 8.84
CA SER F 203 -17.69 -23.75 8.84
C SER F 203 -17.17 -23.06 7.58
N PRO F 204 -16.03 -22.38 7.66
CA PRO F 204 -15.59 -21.56 6.52
C PRO F 204 -15.35 -22.37 5.26
N VAL F 205 -15.93 -21.90 4.16
CA VAL F 205 -15.70 -22.49 2.84
C VAL F 205 -14.37 -22.01 2.30
N THR F 206 -13.74 -22.82 1.45
CA THR F 206 -12.44 -22.47 0.90
C THR F 206 -12.33 -22.99 -0.53
N LYS F 207 -11.71 -22.19 -1.40
CA LYS F 207 -11.51 -22.50 -2.81
C LYS F 207 -10.07 -22.21 -3.19
N SER F 208 -9.46 -23.09 -4.00
CA SER F 208 -8.04 -22.97 -4.29
C SER F 208 -7.70 -23.58 -5.65
N PHE F 209 -6.44 -23.38 -6.05
CA PHE F 209 -5.90 -23.90 -7.30
C PHE F 209 -4.38 -23.85 -7.24
N ASN F 210 -3.74 -24.57 -8.17
CA ASN F 210 -2.27 -24.66 -8.25
C ASN F 210 -1.59 -23.28 -8.19
CA CA G . 43.55 13.23 18.78
CA CA H . -43.67 -20.48 -8.43
#